data_6FG5
#
_entry.id   6FG5
#
_cell.length_a   81.799
_cell.length_b   81.799
_cell.length_c   256.127
_cell.angle_alpha   90.00
_cell.angle_beta   90.00
_cell.angle_gamma   120.00
#
_symmetry.space_group_name_H-M   'P 31 2 1'
#
loop_
_entity.id
_entity.type
_entity.pdbx_description
1 polymer Phosphodiesterase
2 non-polymer 'ZINC ION'
3 non-polymer 'MAGNESIUM ION'
4 water water
#
_entity_poly.entity_id   1
_entity_poly.type   'polypeptide(L)'
_entity_poly.pdbx_seq_one_letter_code
;GPAQLNDSSGLLTTKLPSSSKLTSQNVDDGNGPFLPIHGVETPNDNELEERFSLCLDEWGVDIFEIDRLSNGHALTTVAY
RIFQKRDLLKTFCIDPHVFVRYLLRVESTYHADVPYHNSMHAADVLQTAHFLLQAEALDDVFSDLEILAVLFAAAIHDVD
HPGVTNQFLINTGHELALQYNDASVLENHHLYMAFKILTEKDCDIFANLGGKKRQTLRRMVIELVLATDMSKHMSLLADL
RTMVETKKVSGSGMLNLDNYADRIQILQNMIHCADLSNPAKPLRLYRKWTGRLIEEFFRQGDKERELSLEISPMCDRESV
EVEKSQVSFIDFVCHPLWETWCDLVHPCAQLILDTLEDNRDWYECHIKES
;
_entity_poly.pdbx_strand_id   A,B
#
loop_
_chem_comp.id
_chem_comp.type
_chem_comp.name
_chem_comp.formula
MG non-polymer 'MAGNESIUM ION' 'Mg 2'
ZN non-polymer 'ZINC ION' 'Zn 2'
#
# COMPACT_ATOMS: atom_id res chain seq x y z
N PHE A 34 21.95 -3.14 -36.55
CA PHE A 34 21.08 -2.19 -37.32
C PHE A 34 20.42 -1.15 -36.38
N LEU A 35 21.08 -0.85 -35.25
CA LEU A 35 20.58 0.08 -34.17
C LEU A 35 21.28 1.44 -34.22
N PRO A 36 20.52 2.57 -34.33
CA PRO A 36 21.19 3.88 -34.25
C PRO A 36 22.13 4.02 -33.01
N ILE A 37 23.14 4.84 -33.17
CA ILE A 37 24.19 4.96 -32.18
C ILE A 37 23.65 5.38 -30.78
N HIS A 38 22.52 6.10 -30.77
CA HIS A 38 21.84 6.45 -29.53
C HIS A 38 20.53 5.70 -29.16
N GLY A 39 20.23 4.53 -29.79
CA GLY A 39 19.06 3.73 -29.46
C GLY A 39 17.88 4.03 -30.39
N VAL A 40 17.42 5.28 -30.37
CA VAL A 40 16.48 5.82 -31.36
C VAL A 40 17.24 6.79 -32.22
N GLU A 41 16.78 6.99 -33.46
CA GLU A 41 17.47 7.89 -34.39
C GLU A 41 17.22 9.40 -34.03
N THR A 42 18.14 10.26 -34.41
CA THR A 42 18.03 11.67 -34.09
C THR A 42 18.64 12.52 -35.23
N PRO A 43 18.25 13.82 -35.30
CA PRO A 43 18.90 14.69 -36.29
C PRO A 43 20.32 15.14 -35.84
N ASN A 44 20.75 14.87 -34.61
CA ASN A 44 21.86 15.62 -34.06
C ASN A 44 22.85 14.67 -33.40
N ASP A 45 23.22 13.61 -34.11
CA ASP A 45 24.02 12.51 -33.52
C ASP A 45 25.39 12.91 -32.94
N ASN A 46 26.21 13.66 -33.65
CA ASN A 46 27.60 13.94 -33.15
C ASN A 46 27.50 14.91 -31.99
N GLU A 47 26.58 15.88 -32.04
CA GLU A 47 26.47 16.82 -30.92
C GLU A 47 26.16 16.07 -29.58
N LEU A 48 25.27 15.09 -29.72
CA LEU A 48 24.68 14.38 -28.65
C LEU A 48 25.72 13.44 -28.07
N GLU A 49 26.54 12.88 -28.93
CA GLU A 49 27.65 12.01 -28.56
C GLU A 49 28.61 12.80 -27.67
N GLU A 50 28.98 13.93 -28.16
CA GLU A 50 29.76 14.87 -27.44
C GLU A 50 29.16 15.23 -26.10
N ARG A 51 27.90 15.63 -26.03
CA ARG A 51 27.31 15.96 -24.73
C ARG A 51 27.32 14.76 -23.79
N PHE A 52 26.99 13.58 -24.28
CA PHE A 52 26.85 12.38 -23.48
C PHE A 52 28.22 11.87 -22.97
N SER A 53 29.19 11.90 -23.83
CA SER A 53 30.57 11.60 -23.48
C SER A 53 31.19 12.46 -22.37
N LEU A 54 30.95 13.77 -22.35
CA LEU A 54 31.50 14.68 -21.31
C LEU A 54 30.62 14.95 -20.12
N CYS A 55 29.30 14.77 -20.28
CA CYS A 55 28.33 15.32 -19.29
C CYS A 55 27.70 14.22 -18.41
N LEU A 56 27.68 12.98 -18.82
CA LEU A 56 26.77 12.10 -18.09
C LEU A 56 27.21 11.67 -16.70
N ASP A 57 28.49 11.73 -16.41
CA ASP A 57 29.01 11.59 -15.06
C ASP A 57 29.19 12.87 -14.31
N GLU A 58 28.58 13.95 -14.83
CA GLU A 58 28.54 15.25 -14.13
C GLU A 58 27.27 15.45 -13.30
N TRP A 59 27.41 16.23 -12.25
CA TRP A 59 26.33 16.79 -11.54
C TRP A 59 25.59 17.85 -12.47
N GLY A 60 24.34 17.87 -12.57
CA GLY A 60 24.02 19.24 -13.32
C GLY A 60 24.16 19.19 -14.83
N VAL A 61 23.28 18.40 -15.42
CA VAL A 61 23.21 18.09 -16.86
C VAL A 61 21.94 18.78 -17.41
N ASP A 62 22.09 19.27 -18.60
CA ASP A 62 21.08 19.99 -19.30
C ASP A 62 20.10 19.01 -20.08
N ILE A 63 19.17 18.43 -19.31
CA ILE A 63 18.20 17.49 -19.81
C ILE A 63 17.33 18.23 -20.86
N PHE A 64 17.18 19.54 -20.80
CA PHE A 64 16.17 20.15 -21.80
C PHE A 64 16.80 20.15 -23.17
N GLU A 65 18.09 20.51 -23.22
CA GLU A 65 18.89 20.45 -24.47
C GLU A 65 19.09 19.05 -25.00
N ILE A 66 19.29 18.07 -24.15
CA ILE A 66 19.30 16.71 -24.63
C ILE A 66 18.00 16.29 -25.33
N ASP A 67 16.90 16.84 -24.86
CA ASP A 67 15.59 16.60 -25.35
C ASP A 67 15.30 17.19 -26.72
N ARG A 68 15.64 18.47 -26.89
CA ARG A 68 15.61 19.21 -28.12
C ARG A 68 16.58 18.58 -29.16
N LEU A 69 17.83 18.34 -28.75
CA LEU A 69 18.81 17.64 -29.62
C LEU A 69 18.32 16.24 -30.02
N SER A 70 17.59 15.52 -29.22
CA SER A 70 17.22 14.16 -29.62
C SER A 70 15.81 14.04 -30.10
N ASN A 71 15.17 15.17 -30.44
CA ASN A 71 13.78 15.17 -30.82
C ASN A 71 12.73 14.58 -29.88
N GLY A 72 12.71 14.98 -28.62
CA GLY A 72 11.77 14.42 -27.62
C GLY A 72 12.20 13.10 -26.93
N HIS A 73 13.44 12.71 -27.03
CA HIS A 73 13.81 11.38 -26.62
C HIS A 73 14.94 11.41 -25.56
N ALA A 74 14.88 12.39 -24.67
CA ALA A 74 15.80 12.39 -23.51
C ALA A 74 15.84 11.16 -22.67
N LEU A 75 14.67 10.71 -22.28
CA LEU A 75 14.52 9.52 -21.53
C LEU A 75 15.13 8.28 -22.18
N THR A 76 14.77 8.01 -23.43
CA THR A 76 15.25 6.86 -24.12
C THR A 76 16.73 6.93 -24.35
N THR A 77 17.19 8.06 -24.81
CA THR A 77 18.65 8.22 -25.03
C THR A 77 19.55 8.19 -23.79
N VAL A 78 19.16 8.93 -22.75
CA VAL A 78 19.93 8.94 -21.48
C VAL A 78 19.92 7.51 -20.93
N ALA A 79 18.78 6.86 -20.94
CA ALA A 79 18.69 5.52 -20.38
C ALA A 79 19.51 4.48 -21.14
N TYR A 80 19.41 4.52 -22.45
CA TYR A 80 20.22 3.67 -23.33
C TYR A 80 21.69 3.86 -23.03
N ARG A 81 22.14 5.12 -23.03
CA ARG A 81 23.55 5.37 -22.82
C ARG A 81 24.06 4.97 -21.42
N ILE A 82 23.34 5.26 -20.35
CA ILE A 82 23.70 4.83 -18.99
C ILE A 82 23.78 3.34 -18.83
N PHE A 83 22.78 2.63 -19.36
CA PHE A 83 22.79 1.14 -19.34
C PHE A 83 23.91 0.52 -20.14
N GLN A 84 24.22 1.10 -21.32
CA GLN A 84 25.47 0.75 -22.05
C GLN A 84 26.66 1.05 -21.21
N LYS A 85 26.73 2.23 -20.67
CA LYS A 85 27.92 2.64 -19.93
C LYS A 85 28.13 1.82 -18.68
N ARG A 86 27.06 1.33 -18.03
CA ARG A 86 27.25 0.46 -16.85
C ARG A 86 27.28 -1.07 -17.23
N ASP A 87 27.26 -1.37 -18.51
CA ASP A 87 27.35 -2.77 -18.97
C ASP A 87 26.13 -3.64 -18.53
N LEU A 88 24.99 -2.98 -18.39
CA LEU A 88 23.83 -3.58 -17.83
C LEU A 88 23.07 -4.42 -18.86
N LEU A 89 23.22 -4.09 -20.14
CA LEU A 89 22.63 -4.93 -21.16
C LEU A 89 23.42 -6.25 -21.18
N LYS A 90 24.71 -6.20 -21.41
CA LYS A 90 25.50 -7.41 -21.30
C LYS A 90 25.22 -8.15 -19.97
N THR A 91 25.25 -7.48 -18.83
CA THR A 91 25.21 -8.23 -17.60
C THR A 91 23.91 -9.05 -17.41
N PHE A 92 22.78 -8.51 -17.88
CA PHE A 92 21.44 -9.12 -17.67
C PHE A 92 20.79 -9.66 -18.96
N CYS A 93 21.63 -9.80 -19.99
CA CYS A 93 21.21 -10.35 -21.27
C CYS A 93 19.96 -9.66 -21.79
N ILE A 94 19.98 -8.36 -21.70
CA ILE A 94 18.85 -7.60 -22.16
C ILE A 94 19.16 -7.30 -23.59
N ASP A 95 18.27 -7.69 -24.47
CA ASP A 95 18.39 -7.43 -25.90
C ASP A 95 18.24 -5.93 -26.05
N PRO A 96 19.20 -5.25 -26.71
CA PRO A 96 19.04 -3.79 -26.94
C PRO A 96 17.83 -3.35 -27.80
N HIS A 97 17.37 -4.12 -28.76
CA HIS A 97 16.12 -3.69 -29.46
C HIS A 97 14.91 -3.66 -28.48
N VAL A 98 14.92 -4.60 -27.53
CA VAL A 98 13.83 -4.75 -26.59
C VAL A 98 13.84 -3.58 -25.60
N PHE A 99 15.00 -3.26 -25.03
CA PHE A 99 15.21 -2.10 -24.17
C PHE A 99 14.71 -0.85 -24.78
N VAL A 100 15.16 -0.57 -25.98
CA VAL A 100 14.75 0.61 -26.71
C VAL A 100 13.27 0.67 -26.88
N ARG A 101 12.65 -0.43 -27.33
CA ARG A 101 11.16 -0.41 -27.50
C ARG A 101 10.36 -0.20 -26.21
N TYR A 102 10.82 -0.80 -25.13
CA TYR A 102 10.18 -0.60 -23.81
C TYR A 102 10.27 0.85 -23.38
N LEU A 103 11.43 1.44 -23.53
CA LEU A 103 11.61 2.82 -23.15
C LEU A 103 10.85 3.74 -24.00
N LEU A 104 10.76 3.43 -25.29
CA LEU A 104 9.96 4.29 -26.19
C LEU A 104 8.50 4.30 -25.69
N ARG A 105 8.00 3.15 -25.28
CA ARG A 105 6.62 3.06 -24.72
C ARG A 105 6.48 3.74 -23.37
N VAL A 106 7.42 3.55 -22.52
CA VAL A 106 7.40 4.31 -21.25
C VAL A 106 7.41 5.80 -21.48
N GLU A 107 8.34 6.24 -22.29
CA GLU A 107 8.40 7.67 -22.68
C GLU A 107 7.13 8.28 -23.27
N SER A 108 6.48 7.52 -24.12
CA SER A 108 5.12 7.85 -24.68
C SER A 108 4.01 7.91 -23.64
N THR A 109 4.13 7.11 -22.55
CA THR A 109 3.07 7.14 -21.50
C THR A 109 3.31 8.16 -20.37
N TYR A 110 4.50 8.76 -20.29
CA TYR A 110 4.57 10.14 -19.69
C TYR A 110 3.69 11.09 -20.57
N HIS A 111 3.10 12.11 -19.95
CA HIS A 111 2.22 13.07 -20.66
C HIS A 111 3.08 14.31 -21.01
N ALA A 112 3.44 14.53 -22.29
CA ALA A 112 4.17 15.76 -22.68
C ALA A 112 3.53 17.13 -22.31
N ASP A 113 2.22 17.18 -22.22
CA ASP A 113 1.51 18.40 -21.89
C ASP A 113 1.50 18.61 -20.34
N VAL A 114 1.98 17.66 -19.55
CA VAL A 114 2.11 17.99 -18.13
C VAL A 114 3.40 18.84 -18.01
N PRO A 115 3.29 20.08 -17.55
CA PRO A 115 4.53 20.90 -17.53
C PRO A 115 5.76 20.28 -16.81
N TYR A 116 5.64 19.76 -15.56
CA TYR A 116 6.90 19.33 -14.84
C TYR A 116 7.00 17.81 -14.95
N HIS A 117 5.97 17.08 -14.55
CA HIS A 117 6.06 15.60 -14.41
C HIS A 117 5.92 14.83 -15.78
N ASN A 118 6.81 15.13 -16.70
CA ASN A 118 6.86 14.48 -17.99
C ASN A 118 8.21 13.68 -18.05
N SER A 119 8.54 13.14 -19.23
CA SER A 119 9.73 12.30 -19.38
C SER A 119 11.04 12.99 -19.25
N MET A 120 11.07 14.30 -19.27
CA MET A 120 12.31 15.04 -19.12
C MET A 120 12.71 14.99 -17.67
N HIS A 121 11.66 15.02 -16.81
CA HIS A 121 11.83 14.89 -15.36
C HIS A 121 12.38 13.53 -15.02
N ALA A 122 11.85 12.54 -15.71
CA ALA A 122 12.32 11.21 -15.51
C ALA A 122 13.72 11.02 -15.96
N ALA A 123 14.08 11.59 -17.12
CA ALA A 123 15.48 11.58 -17.56
C ALA A 123 16.40 12.23 -16.58
N ASP A 124 15.98 13.34 -15.99
CA ASP A 124 16.74 14.06 -14.96
C ASP A 124 17.05 13.18 -13.73
N VAL A 125 15.98 12.59 -13.20
CA VAL A 125 16.07 11.78 -12.01
C VAL A 125 16.91 10.57 -12.28
N LEU A 126 16.68 9.94 -13.44
CA LEU A 126 17.51 8.80 -13.82
C LEU A 126 19.02 9.17 -13.86
N GLN A 127 19.38 10.22 -14.54
CA GLN A 127 20.80 10.63 -14.60
C GLN A 127 21.35 11.00 -13.23
N THR A 128 20.54 11.66 -12.40
CA THR A 128 20.96 12.13 -11.12
C THR A 128 21.25 10.93 -10.22
N ALA A 129 20.37 9.92 -10.26
CA ALA A 129 20.62 8.74 -9.52
C ALA A 129 21.88 8.00 -9.99
N HIS A 130 22.11 8.05 -11.30
CA HIS A 130 23.34 7.47 -11.90
C HIS A 130 24.61 8.19 -11.35
N PHE A 131 24.49 9.50 -11.14
CA PHE A 131 25.53 10.32 -10.54
C PHE A 131 25.71 9.98 -9.07
N LEU A 132 24.67 9.81 -8.29
CA LEU A 132 24.82 9.68 -6.89
C LEU A 132 25.38 8.35 -6.56
N LEU A 133 25.18 7.34 -7.43
CA LEU A 133 25.83 6.01 -7.34
C LEU A 133 27.35 6.04 -7.47
N GLN A 134 27.95 7.11 -8.04
CA GLN A 134 29.40 7.16 -8.29
C GLN A 134 30.28 7.60 -7.08
N ALA A 135 29.65 7.94 -5.99
CA ALA A 135 30.40 8.52 -4.89
C ALA A 135 31.34 7.40 -4.36
N GLU A 136 32.56 7.79 -4.09
CA GLU A 136 33.65 6.90 -3.79
C GLU A 136 33.21 6.08 -2.54
N ALA A 137 32.59 6.72 -1.57
CA ALA A 137 32.12 6.04 -0.36
C ALA A 137 31.09 4.94 -0.60
N LEU A 138 30.48 4.91 -1.79
CA LEU A 138 29.60 3.80 -2.23
C LEU A 138 30.24 2.74 -3.17
N ASP A 139 31.55 2.76 -3.45
CA ASP A 139 32.19 1.79 -4.40
C ASP A 139 31.97 0.42 -3.80
N ASP A 140 31.58 -0.49 -4.71
CA ASP A 140 31.26 -1.89 -4.40
C ASP A 140 30.32 -2.21 -3.23
N VAL A 141 29.42 -1.35 -2.91
CA VAL A 141 28.45 -1.61 -1.87
C VAL A 141 27.24 -2.37 -2.50
N PHE A 142 26.79 -1.93 -3.68
CA PHE A 142 25.63 -2.47 -4.35
C PHE A 142 25.88 -3.58 -5.37
N SER A 143 25.07 -4.65 -5.33
CA SER A 143 25.01 -5.65 -6.43
C SER A 143 24.56 -5.02 -7.76
N ASP A 144 24.78 -5.70 -8.85
CA ASP A 144 24.39 -5.16 -10.14
C ASP A 144 22.88 -5.08 -10.32
N LEU A 145 22.17 -5.99 -9.65
CA LEU A 145 20.69 -6.11 -9.72
C LEU A 145 20.11 -4.96 -8.92
N GLU A 146 20.77 -4.58 -7.82
CA GLU A 146 20.39 -3.37 -7.09
C GLU A 146 20.62 -2.12 -7.88
N ILE A 147 21.74 -1.97 -8.61
CA ILE A 147 21.96 -0.88 -9.52
C ILE A 147 20.86 -0.85 -10.60
N LEU A 148 20.59 -1.99 -11.24
CA LEU A 148 19.53 -2.13 -12.22
C LEU A 148 18.12 -1.64 -11.71
N ALA A 149 17.82 -1.96 -10.45
CA ALA A 149 16.60 -1.65 -9.85
C ALA A 149 16.40 -0.17 -9.65
N VAL A 150 17.42 0.54 -9.16
CA VAL A 150 17.30 1.89 -8.80
C VAL A 150 17.22 2.74 -10.08
N LEU A 151 17.97 2.34 -11.11
CA LEU A 151 17.95 3.08 -12.35
C LEU A 151 16.63 2.83 -13.19
N PHE A 152 16.17 1.58 -13.22
CA PHE A 152 14.86 1.27 -13.83
C PHE A 152 13.79 2.03 -13.07
N ALA A 153 13.86 1.96 -11.73
CA ALA A 153 12.88 2.68 -10.91
C ALA A 153 12.90 4.13 -11.24
N ALA A 154 14.07 4.72 -11.35
CA ALA A 154 14.10 6.11 -11.64
C ALA A 154 13.40 6.54 -12.95
N ALA A 155 13.64 5.80 -14.00
CA ALA A 155 13.06 5.97 -15.30
C ALA A 155 11.55 5.90 -15.35
N ILE A 156 11.01 4.99 -14.56
CA ILE A 156 9.58 4.80 -14.44
C ILE A 156 8.90 5.50 -13.28
N HIS A 157 9.62 6.12 -12.36
CA HIS A 157 8.98 6.52 -11.15
C HIS A 157 7.81 7.52 -11.23
N ASP A 158 7.62 8.21 -12.34
CA ASP A 158 6.44 9.06 -12.44
C ASP A 158 5.63 8.71 -13.73
N VAL A 159 5.80 7.55 -14.34
CA VAL A 159 5.12 7.27 -15.62
C VAL A 159 3.61 7.48 -15.47
N ASP A 160 2.98 8.13 -16.45
CA ASP A 160 1.48 8.42 -16.48
C ASP A 160 1.00 9.46 -15.50
N HIS A 161 1.92 10.28 -14.96
CA HIS A 161 1.53 11.28 -13.92
C HIS A 161 0.38 12.14 -14.53
N PRO A 162 -0.71 12.40 -13.83
CA PRO A 162 -1.69 13.36 -14.60
C PRO A 162 -1.49 14.88 -14.27
N GLY A 163 -0.45 15.27 -13.55
CA GLY A 163 -0.25 16.71 -13.21
C GLY A 163 -1.01 17.15 -11.99
N VAL A 164 -1.41 16.22 -11.16
CA VAL A 164 -2.03 16.59 -9.89
C VAL A 164 -1.44 15.73 -8.77
N THR A 165 -1.40 16.28 -7.58
CA THR A 165 -0.90 15.59 -6.42
C THR A 165 -1.83 14.56 -5.88
N ASN A 166 -1.21 13.63 -5.18
CA ASN A 166 -1.87 12.72 -4.24
C ASN A 166 -2.96 13.43 -3.38
N GLN A 167 -2.68 14.55 -2.71
CA GLN A 167 -3.66 15.26 -1.84
C GLN A 167 -4.88 15.69 -2.63
N PHE A 168 -4.67 16.18 -3.84
CA PHE A 168 -5.77 16.54 -4.73
C PHE A 168 -6.64 15.33 -4.97
N LEU A 169 -6.08 14.22 -5.45
CA LEU A 169 -6.85 12.96 -5.73
C LEU A 169 -7.64 12.44 -4.47
N ILE A 170 -7.02 12.53 -3.28
CA ILE A 170 -7.67 12.15 -2.04
C ILE A 170 -8.89 13.17 -1.77
N ASN A 171 -8.57 14.48 -1.67
CA ASN A 171 -9.48 15.57 -1.44
C ASN A 171 -10.67 15.47 -2.42
N THR A 172 -10.49 15.02 -3.69
CA THR A 172 -11.58 14.91 -4.71
C THR A 172 -12.27 13.57 -4.78
N GLY A 173 -11.79 12.56 -4.02
CA GLY A 173 -12.35 11.20 -4.11
C GLY A 173 -12.20 10.64 -5.50
N HIS A 174 -11.11 10.97 -6.16
CA HIS A 174 -10.89 10.43 -7.49
C HIS A 174 -10.80 8.86 -7.40
N GLU A 175 -11.20 8.19 -8.46
CA GLU A 175 -11.07 6.74 -8.63
C GLU A 175 -9.71 6.07 -8.10
N LEU A 176 -8.57 6.72 -8.31
CA LEU A 176 -7.30 6.17 -8.01
C LEU A 176 -7.14 6.14 -6.52
N ALA A 177 -7.49 7.25 -5.85
CA ALA A 177 -7.53 7.33 -4.40
C ALA A 177 -8.47 6.36 -3.70
N LEU A 178 -9.58 6.08 -4.36
CA LEU A 178 -10.54 5.11 -3.77
C LEU A 178 -9.94 3.72 -3.90
N GLN A 179 -9.42 3.45 -5.07
CA GLN A 179 -8.79 2.21 -5.37
C GLN A 179 -7.63 1.85 -4.42
N TYR A 180 -6.79 2.80 -4.14
CA TYR A 180 -5.47 2.59 -3.36
C TYR A 180 -5.65 3.04 -1.94
N ASN A 181 -6.91 3.34 -1.53
CA ASN A 181 -7.24 3.65 -0.13
C ASN A 181 -6.40 4.80 0.43
N ASP A 182 -6.17 5.79 -0.40
CA ASP A 182 -5.37 6.99 -0.01
C ASP A 182 -3.92 6.80 0.12
N ALA A 183 -3.38 5.58 -0.13
CA ALA A 183 -1.92 5.29 0.23
C ALA A 183 -1.03 5.26 -1.01
N SER A 184 -0.08 6.17 -1.08
CA SER A 184 0.85 6.23 -2.19
C SER A 184 0.12 6.10 -3.57
N VAL A 185 -0.89 6.95 -3.73
CA VAL A 185 -1.84 6.70 -4.84
C VAL A 185 -1.17 6.70 -6.20
N LEU A 186 -0.49 7.77 -6.49
CA LEU A 186 0.16 7.83 -7.80
C LEU A 186 1.34 6.86 -7.99
N GLU A 187 2.12 6.74 -6.92
CA GLU A 187 3.28 5.84 -6.96
C GLU A 187 2.90 4.40 -7.26
N ASN A 188 1.87 3.94 -6.60
CA ASN A 188 1.30 2.66 -6.95
C ASN A 188 0.89 2.62 -8.38
N HIS A 189 0.36 3.71 -8.87
CA HIS A 189 -0.24 3.70 -10.29
C HIS A 189 0.93 3.68 -11.31
N HIS A 190 1.99 4.45 -10.97
CA HIS A 190 3.10 4.50 -11.87
C HIS A 190 3.72 3.11 -12.00
N LEU A 191 3.75 2.41 -10.90
CA LEU A 191 4.32 1.07 -10.89
C LEU A 191 3.49 0.13 -11.73
N TYR A 192 2.18 0.19 -11.54
CA TYR A 192 1.21 -0.61 -12.33
C TYR A 192 1.44 -0.45 -13.83
N MET A 193 1.55 0.80 -14.26
CA MET A 193 1.70 1.13 -15.68
C MET A 193 3.03 0.63 -16.24
N ALA A 194 4.14 0.78 -15.47
CA ALA A 194 5.42 0.31 -15.94
C ALA A 194 5.46 -1.19 -16.05
N PHE A 195 4.83 -1.91 -15.11
CA PHE A 195 4.75 -3.38 -15.19
C PHE A 195 3.81 -3.90 -16.33
N LYS A 196 2.67 -3.28 -16.58
CA LYS A 196 1.80 -3.66 -17.71
C LYS A 196 2.58 -3.53 -19.02
N ILE A 197 3.29 -2.43 -19.19
CA ILE A 197 4.07 -2.28 -20.37
C ILE A 197 5.06 -3.41 -20.61
N LEU A 198 5.66 -3.98 -19.57
CA LEU A 198 6.56 -5.16 -19.77
C LEU A 198 5.91 -6.34 -20.48
N THR A 199 4.64 -6.61 -20.17
CA THR A 199 3.79 -7.58 -20.87
C THR A 199 3.82 -7.51 -22.41
N GLU A 200 3.53 -6.32 -22.94
CA GLU A 200 3.26 -6.10 -24.37
C GLU A 200 4.32 -6.84 -25.23
N LYS A 201 3.90 -7.28 -26.46
CA LYS A 201 4.71 -8.12 -27.36
C LYS A 201 6.10 -7.47 -27.59
N ASP A 202 7.16 -8.23 -27.19
CA ASP A 202 8.58 -7.96 -27.49
C ASP A 202 9.08 -6.77 -26.66
N CYS A 203 8.41 -6.49 -25.53
CA CYS A 203 8.80 -5.40 -24.62
C CYS A 203 9.36 -5.83 -23.28
N ASP A 204 9.45 -7.11 -22.97
CA ASP A 204 9.91 -7.56 -21.67
C ASP A 204 11.43 -7.55 -21.61
N ILE A 205 12.00 -6.42 -21.24
CA ILE A 205 13.46 -6.33 -21.10
C ILE A 205 14.04 -7.32 -20.10
N PHE A 206 13.22 -7.83 -19.16
CA PHE A 206 13.73 -8.69 -18.12
C PHE A 206 13.59 -10.18 -18.48
N ALA A 207 13.08 -10.47 -19.68
CA ALA A 207 12.83 -11.87 -20.14
C ALA A 207 13.97 -12.95 -19.83
N ASN A 208 15.25 -12.57 -19.96
CA ASN A 208 16.33 -13.53 -19.85
C ASN A 208 16.88 -13.65 -18.42
N LEU A 209 16.27 -12.95 -17.46
CA LEU A 209 16.66 -13.08 -16.03
C LEU A 209 16.05 -14.35 -15.44
N GLY A 210 16.79 -14.98 -14.55
CA GLY A 210 16.19 -16.12 -13.83
C GLY A 210 14.89 -15.74 -13.07
N GLY A 211 14.02 -16.72 -12.85
CA GLY A 211 12.83 -16.58 -11.97
C GLY A 211 12.95 -15.92 -10.59
N LYS A 212 13.93 -16.32 -9.76
CA LYS A 212 14.16 -15.73 -8.41
C LYS A 212 14.78 -14.32 -8.47
N LYS A 213 15.39 -13.98 -9.61
CA LYS A 213 15.85 -12.63 -9.82
C LYS A 213 14.74 -11.74 -10.24
N ARG A 214 13.88 -12.20 -11.12
CA ARG A 214 12.80 -11.30 -11.61
C ARG A 214 11.92 -10.92 -10.45
N GLN A 215 11.69 -11.85 -9.55
CA GLN A 215 10.86 -11.62 -8.43
C GLN A 215 11.63 -10.74 -7.43
N THR A 216 12.96 -10.89 -7.25
CA THR A 216 13.76 -10.01 -6.32
C THR A 216 13.74 -8.53 -6.84
N LEU A 217 13.92 -8.36 -8.13
CA LEU A 217 13.99 -7.09 -8.76
C LEU A 217 12.69 -6.34 -8.62
N ARG A 218 11.61 -7.06 -8.89
CA ARG A 218 10.22 -6.57 -8.83
C ARG A 218 9.98 -6.05 -7.40
N ARG A 219 10.34 -6.85 -6.45
CA ARG A 219 10.30 -6.38 -5.04
C ARG A 219 11.08 -5.07 -4.77
N MET A 220 12.26 -4.91 -5.37
CA MET A 220 13.05 -3.69 -5.13
C MET A 220 12.45 -2.51 -5.88
N VAL A 221 12.11 -2.71 -7.13
CA VAL A 221 11.59 -1.61 -7.88
C VAL A 221 10.34 -1.05 -7.15
N ILE A 222 9.50 -1.94 -6.64
CA ILE A 222 8.31 -1.52 -5.94
C ILE A 222 8.69 -0.62 -4.80
N GLU A 223 9.56 -1.16 -3.89
CA GLU A 223 10.00 -0.41 -2.76
C GLU A 223 10.64 0.91 -3.17
N LEU A 224 11.41 0.94 -4.23
CA LEU A 224 12.05 2.19 -4.65
C LEU A 224 11.06 3.26 -5.16
N VAL A 225 10.13 2.91 -6.01
CA VAL A 225 9.19 3.92 -6.51
C VAL A 225 8.21 4.38 -5.36
N LEU A 226 7.85 3.43 -4.45
CA LEU A 226 7.13 3.82 -3.19
C LEU A 226 7.88 4.79 -2.35
N ALA A 227 9.23 4.76 -2.38
CA ALA A 227 9.97 5.70 -1.60
C ALA A 227 9.96 7.12 -2.18
N THR A 228 9.43 7.35 -3.37
CA THR A 228 9.29 8.71 -3.88
C THR A 228 8.02 9.45 -3.44
N ASP A 229 7.15 8.77 -2.70
CA ASP A 229 5.98 9.40 -2.11
C ASP A 229 6.55 10.26 -0.98
N MET A 230 6.23 11.53 -1.08
CA MET A 230 6.54 12.55 -0.12
C MET A 230 6.14 12.33 1.34
N SER A 231 5.08 11.59 1.54
CA SER A 231 4.60 11.41 2.88
C SER A 231 5.60 10.48 3.60
N LYS A 232 6.44 9.75 2.86
CA LYS A 232 7.55 8.97 3.50
C LYS A 232 8.80 9.77 3.80
N HIS A 233 8.83 11.06 3.47
CA HIS A 233 10.03 11.83 3.61
C HIS A 233 10.74 11.74 5.01
N MET A 234 9.94 11.91 6.06
CA MET A 234 10.34 12.11 7.41
C MET A 234 10.92 10.80 7.97
N SER A 235 10.27 9.73 7.57
CA SER A 235 10.65 8.37 7.90
C SER A 235 11.95 7.98 7.23
N LEU A 236 12.08 8.22 5.95
CA LEU A 236 13.32 7.91 5.32
C LEU A 236 14.50 8.74 5.86
N LEU A 237 14.27 10.02 6.14
CA LEU A 237 15.31 10.88 6.57
C LEU A 237 15.77 10.47 8.02
N ALA A 238 14.87 10.11 8.92
CA ALA A 238 15.15 9.51 10.18
C ALA A 238 16.02 8.23 10.00
N ASP A 239 15.67 7.35 9.06
CA ASP A 239 16.57 6.16 8.85
C ASP A 239 17.95 6.52 8.26
N LEU A 240 17.97 7.57 7.45
CA LEU A 240 19.23 7.96 6.89
C LEU A 240 20.10 8.59 7.97
N ARG A 241 19.54 9.31 8.95
CA ARG A 241 20.41 9.90 9.94
C ARG A 241 20.87 8.90 10.91
N THR A 242 20.01 7.93 11.23
CA THR A 242 20.40 6.79 11.96
C THR A 242 21.72 6.17 11.38
N MET A 243 21.78 6.06 10.09
CA MET A 243 22.86 5.39 9.48
C MET A 243 24.07 6.28 9.39
N VAL A 244 23.85 7.58 9.28
CA VAL A 244 24.94 8.52 9.45
C VAL A 244 25.61 8.36 10.84
N GLU A 245 24.82 8.51 11.90
CA GLU A 245 25.26 8.29 13.26
C GLU A 245 25.91 6.95 13.43
N THR A 246 25.40 5.88 12.82
CA THR A 246 26.10 4.60 12.96
C THR A 246 27.51 4.58 12.19
N LYS A 247 27.68 5.42 11.15
CA LYS A 247 29.00 5.51 10.49
C LYS A 247 29.99 6.37 11.30
N LYS A 248 29.52 7.49 11.89
CA LYS A 248 30.42 8.30 12.76
C LYS A 248 30.97 7.51 13.93
N VAL A 249 30.16 6.66 14.59
CA VAL A 249 30.67 5.92 15.73
C VAL A 249 31.36 4.56 15.44
N SER A 250 31.52 4.16 14.16
CA SER A 250 32.16 2.87 13.82
C SER A 250 33.68 2.89 13.93
N GLY A 251 34.27 1.82 14.46
CA GLY A 251 35.75 1.69 14.66
C GLY A 251 36.61 2.01 13.40
N SER A 252 36.13 1.48 12.26
CA SER A 252 36.74 1.65 10.91
C SER A 252 35.79 2.61 10.39
N GLY A 253 36.20 3.85 10.11
CA GLY A 253 35.18 4.87 9.80
C GLY A 253 34.18 4.60 8.63
N MET A 254 33.93 3.29 8.27
CA MET A 254 32.91 2.83 7.24
C MET A 254 31.96 1.64 7.68
N LEU A 255 30.80 1.62 6.99
CA LEU A 255 29.56 0.92 7.45
C LEU A 255 29.44 -0.50 6.96
N ASN A 256 29.00 -1.43 7.84
CA ASN A 256 28.55 -2.79 7.50
C ASN A 256 27.23 -2.67 6.68
N LEU A 257 27.35 -2.96 5.39
CA LEU A 257 26.29 -2.80 4.40
C LEU A 257 26.19 -4.13 3.59
N ASP A 258 26.13 -5.21 4.40
CA ASP A 258 25.92 -6.61 3.98
C ASP A 258 24.49 -6.92 4.32
N ASN A 259 23.89 -6.12 5.18
CA ASN A 259 22.51 -6.35 5.41
C ASN A 259 21.70 -5.59 4.24
N TYR A 260 20.89 -6.39 3.54
CA TYR A 260 20.17 -5.99 2.36
C TYR A 260 19.26 -4.86 2.89
N ALA A 261 18.77 -4.98 4.16
CA ALA A 261 17.77 -4.07 4.69
C ALA A 261 18.38 -2.74 4.86
N ASP A 262 19.68 -2.69 5.07
CA ASP A 262 20.33 -1.36 5.15
C ASP A 262 20.54 -0.75 3.80
N ARG A 263 21.12 -1.52 2.91
CA ARG A 263 21.32 -1.12 1.52
C ARG A 263 20.07 -0.51 0.80
N ILE A 264 18.91 -1.14 1.00
CA ILE A 264 17.75 -0.71 0.36
C ILE A 264 17.32 0.64 0.97
N GLN A 265 17.54 0.84 2.27
CA GLN A 265 17.30 2.19 2.87
C GLN A 265 18.12 3.30 2.18
N ILE A 266 19.36 3.01 1.93
CA ILE A 266 20.15 3.98 1.23
C ILE A 266 19.64 4.26 -0.10
N LEU A 267 19.33 3.22 -0.85
CA LEU A 267 18.83 3.37 -2.20
C LEU A 267 17.43 4.07 -2.24
N GLN A 268 16.63 3.85 -1.23
CA GLN A 268 15.36 4.55 -1.09
C GLN A 268 15.60 6.02 -0.91
N ASN A 269 16.59 6.39 -0.02
CA ASN A 269 16.91 7.76 0.10
C ASN A 269 17.52 8.35 -1.16
N MET A 270 18.28 7.54 -1.84
CA MET A 270 19.02 8.07 -2.97
C MET A 270 18.03 8.50 -4.07
N ILE A 271 17.05 7.64 -4.46
CA ILE A 271 16.09 7.95 -5.53
C ILE A 271 15.18 9.15 -5.10
N HIS A 272 14.84 9.24 -3.82
CA HIS A 272 14.14 10.42 -3.27
C HIS A 272 14.98 11.72 -3.33
N CYS A 273 16.29 11.66 -2.95
CA CYS A 273 17.20 12.77 -3.18
C CYS A 273 17.18 13.18 -4.65
N ALA A 274 17.28 12.25 -5.53
CA ALA A 274 17.29 12.56 -6.91
C ALA A 274 16.00 13.26 -7.40
N ASP A 275 14.89 12.82 -6.88
CA ASP A 275 13.61 13.46 -7.15
C ASP A 275 13.58 14.83 -6.54
N LEU A 276 14.23 15.08 -5.37
CA LEU A 276 14.26 16.43 -4.83
C LEU A 276 15.54 17.12 -5.17
N SER A 277 16.18 16.76 -6.26
CA SER A 277 17.47 17.44 -6.58
C SER A 277 17.37 18.83 -7.28
N ASN A 278 16.23 19.26 -7.84
CA ASN A 278 16.25 20.51 -8.63
C ASN A 278 16.91 21.68 -7.88
N PRO A 279 16.60 21.88 -6.58
CA PRO A 279 17.19 23.12 -5.96
C PRO A 279 18.63 23.04 -5.74
N ALA A 280 19.22 21.89 -5.93
CA ALA A 280 20.72 21.83 -5.84
C ALA A 280 21.42 21.75 -7.15
N LYS A 281 20.67 21.89 -8.26
CA LYS A 281 21.22 21.95 -9.61
C LYS A 281 21.65 23.37 -9.90
N PRO A 282 22.54 23.63 -10.89
CA PRO A 282 22.92 24.98 -11.29
C PRO A 282 21.71 25.92 -11.42
N LEU A 283 21.87 27.14 -10.96
CA LEU A 283 20.78 28.02 -10.81
C LEU A 283 19.81 28.06 -12.05
N ARG A 284 20.34 28.14 -13.27
CA ARG A 284 19.58 28.31 -14.49
C ARG A 284 18.65 27.12 -14.72
N LEU A 285 19.14 25.92 -14.46
CA LEU A 285 18.37 24.68 -14.52
C LEU A 285 17.40 24.60 -13.40
N TYR A 286 17.79 25.01 -12.19
CA TYR A 286 16.81 25.04 -11.09
C TYR A 286 15.60 25.94 -11.45
N ARG A 287 15.86 27.13 -11.93
CA ARG A 287 14.76 28.05 -12.27
C ARG A 287 13.83 27.53 -13.39
N LYS A 288 14.38 26.84 -14.38
CA LYS A 288 13.55 26.27 -15.45
C LYS A 288 12.64 25.14 -14.87
N TRP A 289 13.23 24.24 -14.06
CA TRP A 289 12.48 23.25 -13.45
C TRP A 289 11.34 23.84 -12.59
N THR A 290 11.62 24.93 -11.87
CA THR A 290 10.69 25.59 -10.96
C THR A 290 9.52 26.24 -11.77
N GLY A 291 9.82 26.92 -12.84
CA GLY A 291 8.73 27.60 -13.70
C GLY A 291 7.77 26.52 -14.12
N ARG A 292 8.27 25.34 -14.49
CA ARG A 292 7.38 24.25 -14.87
C ARG A 292 6.56 23.68 -13.72
N LEU A 293 7.22 23.47 -12.55
CA LEU A 293 6.52 22.98 -11.43
C LEU A 293 5.34 23.90 -10.97
N ILE A 294 5.55 25.21 -10.98
CA ILE A 294 4.60 26.20 -10.57
C ILE A 294 3.43 26.23 -11.59
N GLU A 295 3.68 26.26 -12.88
CA GLU A 295 2.61 26.04 -13.85
C GLU A 295 1.81 24.79 -13.63
N GLU A 296 2.45 23.68 -13.20
CA GLU A 296 1.62 22.47 -12.90
C GLU A 296 0.71 22.67 -11.71
N PHE A 297 1.29 23.21 -10.65
CA PHE A 297 0.62 23.52 -9.41
C PHE A 297 -0.52 24.52 -9.57
N PHE A 298 -0.31 25.59 -10.33
CA PHE A 298 -1.31 26.59 -10.59
C PHE A 298 -2.51 25.99 -11.29
N ARG A 299 -2.25 25.02 -12.17
CA ARG A 299 -3.33 24.41 -12.91
C ARG A 299 -4.11 23.60 -11.98
N GLN A 300 -3.46 22.93 -11.04
CA GLN A 300 -4.21 22.21 -10.04
C GLN A 300 -5.00 23.11 -9.13
N GLY A 301 -4.40 24.19 -8.68
CA GLY A 301 -5.24 25.15 -7.90
C GLY A 301 -6.46 25.66 -8.66
N ASP A 302 -6.34 25.88 -9.96
CA ASP A 302 -7.45 26.34 -10.83
C ASP A 302 -8.61 25.32 -10.78
N LYS A 303 -8.27 24.00 -10.79
CA LYS A 303 -9.27 22.92 -10.66
C LYS A 303 -9.90 22.87 -9.31
N GLU A 304 -9.11 23.06 -8.25
CA GLU A 304 -9.60 23.22 -6.90
C GLU A 304 -10.55 24.42 -6.71
N ARG A 305 -10.14 25.59 -7.19
CA ARG A 305 -10.98 26.76 -7.07
C ARG A 305 -12.40 26.52 -7.63
N GLU A 306 -12.39 25.88 -8.81
CA GLU A 306 -13.52 25.49 -9.69
C GLU A 306 -14.40 24.41 -9.05
N LEU A 307 -13.85 23.64 -8.16
CA LEU A 307 -14.67 22.78 -7.36
C LEU A 307 -14.87 23.33 -5.93
N SER A 308 -14.63 24.60 -5.59
CA SER A 308 -15.01 25.07 -4.22
C SER A 308 -14.14 24.32 -3.13
N LEU A 309 -13.02 23.73 -3.53
CA LEU A 309 -12.10 23.12 -2.56
C LEU A 309 -11.11 24.16 -2.05
N GLU A 310 -10.65 24.01 -0.80
CA GLU A 310 -9.49 24.83 -0.33
C GLU A 310 -8.29 24.58 -1.27
N ILE A 311 -7.57 25.66 -1.58
CA ILE A 311 -6.46 25.56 -2.49
C ILE A 311 -5.15 25.10 -1.81
N SER A 312 -4.69 23.91 -2.24
CA SER A 312 -3.39 23.43 -1.93
C SER A 312 -2.25 24.52 -1.86
N PRO A 313 -1.33 24.34 -0.82
CA PRO A 313 -0.08 25.11 -0.72
C PRO A 313 0.67 25.10 -2.08
N MET A 314 1.18 26.28 -2.36
CA MET A 314 1.84 26.61 -3.59
C MET A 314 1.02 26.55 -4.95
N CYS A 315 -0.30 26.23 -4.90
CA CYS A 315 -1.16 25.98 -6.02
C CYS A 315 -2.10 27.15 -6.38
N ASP A 316 -2.04 28.22 -5.61
CA ASP A 316 -2.88 29.30 -5.71
C ASP A 316 -2.27 30.40 -6.44
N ARG A 317 -2.76 30.76 -7.63
CA ARG A 317 -2.10 31.85 -8.41
C ARG A 317 -2.43 33.21 -7.87
N GLU A 318 -3.41 33.28 -7.04
CA GLU A 318 -3.89 34.55 -6.45
C GLU A 318 -3.12 35.08 -5.20
N SER A 319 -2.33 34.16 -4.61
CA SER A 319 -1.87 34.19 -3.24
C SER A 319 -0.39 33.80 -3.11
N VAL A 320 0.15 33.08 -4.07
CA VAL A 320 1.46 32.61 -3.93
C VAL A 320 2.63 33.48 -4.47
N GLU A 321 3.74 33.25 -3.76
CA GLU A 321 4.91 34.02 -3.65
C GLU A 321 6.01 33.02 -3.84
N VAL A 322 6.48 32.97 -5.09
CA VAL A 322 7.35 31.92 -5.59
C VAL A 322 8.66 31.82 -4.82
N GLU A 323 9.23 32.94 -4.46
CA GLU A 323 10.56 32.92 -3.99
C GLU A 323 10.56 32.47 -2.57
N LYS A 324 9.60 32.97 -1.82
CA LYS A 324 9.44 32.63 -0.42
C LYS A 324 9.13 31.20 -0.28
N SER A 325 8.40 30.61 -1.22
CA SER A 325 8.09 29.19 -1.12
C SER A 325 9.32 28.32 -1.34
N GLN A 326 10.22 28.72 -2.26
CA GLN A 326 11.47 28.02 -2.49
C GLN A 326 12.39 28.09 -1.36
N VAL A 327 12.48 29.25 -0.74
CA VAL A 327 13.42 29.36 0.45
C VAL A 327 12.92 28.45 1.57
N SER A 328 11.60 28.44 1.77
CA SER A 328 11.02 27.64 2.82
C SER A 328 11.10 26.14 2.50
N PHE A 329 10.93 25.76 1.26
CA PHE A 329 11.11 24.35 0.89
C PHE A 329 12.59 23.91 1.03
N ILE A 330 13.52 24.79 0.69
CA ILE A 330 14.91 24.46 0.87
C ILE A 330 15.13 24.36 2.37
N ASP A 331 14.67 25.33 3.17
CA ASP A 331 15.04 25.29 4.64
C ASP A 331 14.49 24.06 5.38
N PHE A 332 13.28 23.60 5.05
CA PHE A 332 12.50 22.64 5.81
C PHE A 332 12.46 21.23 5.26
N VAL A 333 12.71 21.08 3.97
CA VAL A 333 12.76 19.79 3.40
C VAL A 333 14.07 19.41 2.68
N CYS A 334 14.50 20.21 1.71
CA CYS A 334 15.54 19.86 0.81
C CYS A 334 16.94 19.93 1.45
N HIS A 335 17.26 21.00 2.15
CA HIS A 335 18.50 21.14 2.88
C HIS A 335 18.70 20.09 3.97
N PRO A 336 17.72 19.87 4.81
CA PRO A 336 18.07 18.83 5.78
C PRO A 336 18.23 17.47 5.12
N LEU A 337 17.52 17.17 4.04
CA LEU A 337 17.78 15.88 3.30
C LEU A 337 19.15 15.84 2.66
N TRP A 338 19.57 16.87 1.98
CA TRP A 338 20.83 16.82 1.34
C TRP A 338 22.03 16.89 2.29
N GLU A 339 21.87 17.58 3.41
CA GLU A 339 22.80 17.66 4.40
C GLU A 339 23.11 16.21 4.94
N THR A 340 22.05 15.45 5.27
CA THR A 340 22.24 14.16 5.78
C THR A 340 22.84 13.27 4.71
N TRP A 341 22.37 13.34 3.46
CA TRP A 341 22.99 12.57 2.35
C TRP A 341 24.42 12.88 2.23
N CYS A 342 24.76 14.16 2.09
CA CYS A 342 26.22 14.59 2.05
C CYS A 342 27.11 14.10 3.22
N ASP A 343 26.54 13.97 4.40
CA ASP A 343 27.13 13.46 5.65
C ASP A 343 27.38 11.94 5.52
N LEU A 344 26.43 11.18 4.96
CA LEU A 344 26.66 9.79 4.67
C LEU A 344 27.82 9.60 3.72
N VAL A 345 27.78 10.32 2.61
CA VAL A 345 28.86 10.12 1.63
C VAL A 345 30.02 11.06 1.74
N HIS A 346 30.15 11.76 2.87
CA HIS A 346 31.28 12.68 3.09
C HIS A 346 32.66 12.14 2.65
N PRO A 347 33.41 12.92 1.78
CA PRO A 347 33.11 14.31 1.21
C PRO A 347 32.70 14.44 -0.26
N CYS A 348 32.19 13.35 -0.82
CA CYS A 348 32.03 13.22 -2.29
C CYS A 348 30.84 13.94 -2.88
N ALA A 349 30.04 14.66 -2.09
CA ALA A 349 28.79 15.34 -2.58
C ALA A 349 28.79 16.84 -2.13
N GLN A 350 29.98 17.33 -1.78
CA GLN A 350 30.17 18.72 -1.40
C GLN A 350 29.53 19.74 -2.40
N LEU A 351 29.81 19.62 -3.68
CA LEU A 351 29.33 20.51 -4.72
C LEU A 351 27.70 20.63 -4.67
N ILE A 352 27.03 19.56 -4.29
CA ILE A 352 25.65 19.55 -4.19
C ILE A 352 25.16 20.54 -3.15
N LEU A 353 25.80 20.44 -2.02
CA LEU A 353 25.31 21.17 -0.87
C LEU A 353 25.65 22.63 -1.08
N ASP A 354 26.82 22.93 -1.63
CA ASP A 354 27.17 24.27 -1.95
C ASP A 354 26.23 24.97 -2.97
N THR A 355 25.87 24.26 -4.07
CA THR A 355 25.08 24.77 -5.10
C THR A 355 23.69 25.00 -4.43
N LEU A 356 23.23 24.07 -3.57
CA LEU A 356 21.97 24.20 -2.87
C LEU A 356 21.86 25.44 -2.00
N GLU A 357 22.90 25.66 -1.18
CA GLU A 357 23.03 26.91 -0.42
C GLU A 357 23.17 28.23 -1.17
N ASP A 358 23.99 28.30 -2.25
CA ASP A 358 24.05 29.48 -3.10
C ASP A 358 22.66 29.80 -3.70
N ASN A 359 21.89 28.80 -4.12
CA ASN A 359 20.57 28.90 -4.68
C ASN A 359 19.54 29.42 -3.69
N ARG A 360 19.60 28.89 -2.46
CA ARG A 360 18.87 29.40 -1.29
C ARG A 360 19.07 30.91 -1.13
N ASP A 361 20.30 31.35 -0.89
CA ASP A 361 20.66 32.79 -0.81
C ASP A 361 20.27 33.60 -2.00
N TRP A 362 20.40 33.06 -3.21
CA TRP A 362 19.99 33.82 -4.39
C TRP A 362 18.45 34.07 -4.28
N TYR A 363 17.66 33.04 -4.05
CA TYR A 363 16.26 33.24 -3.90
C TYR A 363 15.75 34.10 -2.72
N GLU A 364 16.52 34.14 -1.66
CA GLU A 364 16.27 34.98 -0.53
C GLU A 364 16.39 36.41 -0.91
N CYS A 365 17.48 36.84 -1.54
CA CYS A 365 17.51 38.26 -1.91
C CYS A 365 16.89 38.66 -3.23
N HIS A 366 16.23 37.75 -3.91
CA HIS A 366 15.23 38.18 -4.94
C HIS A 366 13.76 38.10 -4.40
N ILE A 367 13.50 38.43 -3.11
CA ILE A 367 12.14 38.19 -2.47
C ILE A 367 11.04 39.29 -2.68
N PHE B 34 -42.29 2.39 10.53
CA PHE B 34 -41.95 1.67 9.26
C PHE B 34 -40.93 0.49 9.45
N LEU B 35 -39.77 0.72 10.10
CA LEU B 35 -38.73 -0.32 10.14
C LEU B 35 -39.06 -1.70 10.83
N PRO B 36 -38.80 -2.82 10.14
CA PRO B 36 -39.03 -4.13 10.78
C PRO B 36 -38.13 -4.44 12.02
N ILE B 37 -38.57 -5.42 12.81
CA ILE B 37 -37.93 -5.72 14.08
C ILE B 37 -36.44 -5.98 13.87
N HIS B 38 -36.06 -6.74 12.83
CA HIS B 38 -34.72 -6.98 12.50
C HIS B 38 -34.10 -6.16 11.44
N GLY B 39 -34.71 -5.03 11.11
CA GLY B 39 -34.11 -4.19 10.09
C GLY B 39 -34.47 -4.54 8.67
N VAL B 40 -34.38 -5.81 8.30
CA VAL B 40 -34.98 -6.27 7.06
C VAL B 40 -35.92 -7.36 7.46
N GLU B 41 -36.96 -7.50 6.64
CA GLU B 41 -37.98 -8.48 6.87
C GLU B 41 -37.37 -9.87 6.72
N THR B 42 -37.94 -10.79 7.52
CA THR B 42 -37.59 -12.17 7.44
C THR B 42 -38.82 -13.03 7.57
N PRO B 43 -38.71 -14.33 7.23
CA PRO B 43 -39.82 -15.26 7.48
C PRO B 43 -39.84 -15.81 8.94
N ASN B 44 -39.02 -15.34 9.87
CA ASN B 44 -38.89 -16.09 11.17
C ASN B 44 -38.56 -15.10 12.23
N ASP B 45 -39.30 -14.01 12.23
CA ASP B 45 -39.01 -12.90 13.07
C ASP B 45 -39.00 -13.26 14.58
N ASN B 46 -39.95 -14.03 15.07
CA ASN B 46 -40.06 -14.39 16.47
C ASN B 46 -38.89 -15.35 16.89
N GLU B 47 -38.61 -16.37 16.11
CA GLU B 47 -37.54 -17.25 16.38
C GLU B 47 -36.19 -16.48 16.38
N LEU B 48 -36.02 -15.52 15.48
CA LEU B 48 -34.79 -14.81 15.39
C LEU B 48 -34.67 -13.88 16.58
N GLU B 49 -35.77 -13.33 17.06
CA GLU B 49 -35.79 -12.43 18.21
C GLU B 49 -35.43 -13.20 19.51
N GLU B 50 -36.01 -14.36 19.67
CA GLU B 50 -35.65 -15.23 20.74
C GLU B 50 -34.10 -15.47 20.72
N ARG B 51 -33.51 -15.78 19.57
CA ARG B 51 -32.12 -16.03 19.49
C ARG B 51 -31.26 -14.82 19.69
N PHE B 52 -31.63 -13.70 19.10
CA PHE B 52 -30.81 -12.54 19.29
C PHE B 52 -30.74 -12.09 20.74
N SER B 53 -31.84 -12.10 21.46
CA SER B 53 -31.86 -11.64 22.81
C SER B 53 -31.04 -12.54 23.76
N LEU B 54 -30.84 -13.84 23.46
CA LEU B 54 -29.97 -14.76 24.22
C LEU B 54 -28.54 -14.87 23.72
N CYS B 55 -28.28 -14.91 22.43
CA CYS B 55 -26.98 -15.15 21.86
C CYS B 55 -26.01 -14.02 21.50
N LEU B 56 -26.42 -12.77 21.39
CA LEU B 56 -25.55 -11.80 20.75
C LEU B 56 -24.30 -11.44 21.52
N ASP B 57 -24.36 -11.57 22.83
CA ASP B 57 -23.24 -11.28 23.73
C ASP B 57 -22.61 -12.60 24.21
N GLU B 58 -22.78 -13.70 23.49
CA GLU B 58 -22.15 -14.96 23.82
C GLU B 58 -21.05 -15.17 22.80
N TRP B 59 -20.17 -16.03 23.14
CA TRP B 59 -19.07 -16.44 22.25
C TRP B 59 -19.70 -17.57 21.54
N GLY B 60 -19.39 -17.97 20.36
CA GLY B 60 -20.17 -19.25 20.00
C GLY B 60 -21.66 -18.98 19.60
N VAL B 61 -21.88 -18.36 18.44
CA VAL B 61 -23.23 -18.07 17.90
C VAL B 61 -23.33 -18.89 16.67
N ASP B 62 -24.46 -19.58 16.47
CA ASP B 62 -24.76 -20.37 15.23
C ASP B 62 -25.18 -19.45 14.11
N ILE B 63 -24.24 -18.81 13.45
CA ILE B 63 -24.48 -17.83 12.39
C ILE B 63 -25.12 -18.58 11.24
N PHE B 64 -24.84 -19.88 11.10
CA PHE B 64 -25.45 -20.67 10.00
C PHE B 64 -27.01 -20.68 10.06
N GLU B 65 -27.51 -21.00 11.25
CA GLU B 65 -28.91 -20.95 11.64
C GLU B 65 -29.55 -19.56 11.62
N ILE B 66 -28.83 -18.55 12.00
CA ILE B 66 -29.33 -17.18 11.82
C ILE B 66 -29.47 -16.83 10.31
N ASP B 67 -28.58 -17.35 9.51
CA ASP B 67 -28.70 -17.15 8.12
C ASP B 67 -29.85 -17.91 7.49
N ARG B 68 -30.08 -19.14 7.82
CA ARG B 68 -31.14 -19.88 7.27
C ARG B 68 -32.49 -19.24 7.73
N LEU B 69 -32.64 -18.85 8.97
CA LEU B 69 -33.90 -18.26 9.47
C LEU B 69 -34.26 -16.91 8.90
N SER B 70 -33.25 -16.15 8.59
CA SER B 70 -33.38 -14.85 8.14
C SER B 70 -33.31 -14.80 6.62
N ASN B 71 -33.19 -15.98 5.99
CA ASN B 71 -33.09 -16.09 4.54
C ASN B 71 -31.97 -15.32 3.82
N GLY B 72 -30.77 -15.57 4.28
CA GLY B 72 -29.54 -15.06 3.60
C GLY B 72 -29.12 -13.73 4.23
N HIS B 73 -29.65 -13.36 5.40
CA HIS B 73 -29.52 -12.01 5.94
C HIS B 73 -28.85 -11.96 7.33
N ALA B 74 -27.92 -12.91 7.57
CA ALA B 74 -27.22 -12.91 8.83
C ALA B 74 -26.47 -11.63 9.00
N LEU B 75 -25.75 -11.20 7.98
CA LEU B 75 -24.97 -10.02 8.11
C LEU B 75 -25.82 -8.79 8.37
N THR B 76 -26.89 -8.64 7.59
CA THR B 76 -27.67 -7.45 7.72
C THR B 76 -28.34 -7.37 9.08
N THR B 77 -28.98 -8.48 9.49
CA THR B 77 -29.69 -8.51 10.77
C THR B 77 -28.71 -8.49 12.04
N VAL B 78 -27.60 -9.23 12.03
CA VAL B 78 -26.63 -9.16 13.07
C VAL B 78 -26.12 -7.73 13.23
N ALA B 79 -25.92 -7.03 12.11
CA ALA B 79 -25.29 -5.71 12.15
C ALA B 79 -26.30 -4.73 12.62
N TYR B 80 -27.51 -4.79 12.07
CA TYR B 80 -28.58 -3.95 12.60
C TYR B 80 -28.77 -4.08 14.09
N ARG B 81 -28.88 -5.28 14.59
CA ARG B 81 -29.10 -5.38 16.02
C ARG B 81 -27.88 -4.97 16.89
N ILE B 82 -26.66 -5.34 16.49
CA ILE B 82 -25.52 -4.88 17.18
C ILE B 82 -25.47 -3.38 17.30
N PHE B 83 -25.70 -2.69 16.20
CA PHE B 83 -25.64 -1.25 16.19
C PHE B 83 -26.73 -0.63 17.00
N GLN B 84 -27.88 -1.26 17.10
CA GLN B 84 -28.93 -0.76 18.01
C GLN B 84 -28.60 -0.96 19.48
N LYS B 85 -28.15 -2.15 19.83
CA LYS B 85 -27.72 -2.39 21.22
C LYS B 85 -26.62 -1.40 21.69
N ARG B 86 -25.71 -1.02 20.82
CA ARG B 86 -24.63 -0.10 21.18
C ARG B 86 -25.02 1.38 20.91
N ASP B 87 -26.28 1.65 20.58
CA ASP B 87 -26.77 3.04 20.30
C ASP B 87 -26.03 3.83 19.19
N LEU B 88 -25.36 3.08 18.31
CA LEU B 88 -24.50 3.63 17.30
C LEU B 88 -25.27 4.38 16.21
N LEU B 89 -26.49 3.97 15.94
CA LEU B 89 -27.34 4.71 15.01
C LEU B 89 -27.72 6.07 15.59
N LYS B 90 -28.19 6.09 16.84
CA LYS B 90 -28.56 7.40 17.46
C LYS B 90 -27.35 8.29 17.61
N THR B 91 -26.23 7.74 18.06
CA THR B 91 -25.03 8.54 18.34
C THR B 91 -24.40 9.20 17.09
N PHE B 92 -24.43 8.54 15.94
CA PHE B 92 -23.85 9.15 14.75
C PHE B 92 -24.91 9.65 13.77
N CYS B 93 -26.15 9.82 14.23
CA CYS B 93 -27.29 10.17 13.35
C CYS B 93 -27.25 9.44 12.02
N ILE B 94 -27.08 8.13 12.06
CA ILE B 94 -27.20 7.31 10.91
C ILE B 94 -28.71 7.02 10.82
N ASP B 95 -29.28 7.46 9.72
CA ASP B 95 -30.59 7.06 9.36
C ASP B 95 -30.68 5.52 9.28
N PRO B 96 -31.63 4.90 10.01
CA PRO B 96 -31.72 3.43 10.04
C PRO B 96 -32.02 2.82 8.67
N HIS B 97 -32.83 3.47 7.88
CA HIS B 97 -33.12 2.94 6.54
C HIS B 97 -31.89 2.92 5.64
N VAL B 98 -31.06 3.94 5.79
CA VAL B 98 -29.87 4.11 5.03
C VAL B 98 -28.89 2.99 5.43
N PHE B 99 -28.73 2.78 6.73
CA PHE B 99 -28.01 1.60 7.25
C PHE B 99 -28.46 0.27 6.64
N VAL B 100 -29.71 -0.05 6.71
CA VAL B 100 -30.20 -1.30 6.17
C VAL B 100 -29.93 -1.38 4.66
N ARG B 101 -30.25 -0.31 3.96
CA ARG B 101 -29.99 -0.25 2.52
C ARG B 101 -28.49 -0.48 2.25
N TYR B 102 -27.60 0.10 3.02
CA TYR B 102 -26.16 -0.08 2.79
C TYR B 102 -25.69 -1.53 3.06
N LEU B 103 -26.18 -2.09 4.19
CA LEU B 103 -25.91 -3.45 4.60
C LEU B 103 -26.38 -4.45 3.64
N LEU B 104 -27.52 -4.21 3.04
CA LEU B 104 -28.04 -5.13 2.04
C LEU B 104 -27.19 -5.13 0.75
N ARG B 105 -26.77 -3.95 0.31
CA ARG B 105 -25.84 -3.84 -0.74
C ARG B 105 -24.43 -4.59 -0.42
N VAL B 106 -23.85 -4.36 0.73
CA VAL B 106 -22.58 -5.09 1.11
C VAL B 106 -22.84 -6.60 1.13
N GLU B 107 -23.94 -7.06 1.71
CA GLU B 107 -24.22 -8.52 1.78
C GLU B 107 -24.40 -9.22 0.44
N SER B 108 -25.07 -8.54 -0.52
CA SER B 108 -25.12 -8.98 -1.95
C SER B 108 -23.77 -8.92 -2.66
N THR B 109 -22.83 -8.11 -2.16
CA THR B 109 -21.54 -8.06 -2.83
C THR B 109 -20.54 -9.10 -2.33
N TYR B 110 -20.84 -9.78 -1.25
CA TYR B 110 -20.17 -11.03 -0.92
C TYR B 110 -20.86 -12.02 -1.90
N HIS B 111 -20.12 -13.04 -2.30
CA HIS B 111 -20.53 -14.02 -3.20
C HIS B 111 -21.03 -15.20 -2.38
N ALA B 112 -22.31 -15.46 -2.39
CA ALA B 112 -22.79 -16.65 -1.66
C ALA B 112 -22.34 -18.03 -2.22
N ASP B 113 -21.97 -18.06 -3.49
CA ASP B 113 -21.45 -19.29 -4.05
C ASP B 113 -20.01 -19.60 -3.54
N VAL B 114 -19.40 -18.71 -2.74
CA VAL B 114 -18.02 -18.88 -2.21
C VAL B 114 -18.18 -19.53 -0.84
N PRO B 115 -17.64 -20.74 -0.69
CA PRO B 115 -18.10 -21.54 0.42
C PRO B 115 -17.89 -20.90 1.79
N TYR B 116 -16.75 -20.27 1.98
CA TYR B 116 -16.35 -19.74 3.30
C TYR B 116 -16.48 -18.22 3.31
N HIS B 117 -15.74 -17.55 2.41
CA HIS B 117 -15.57 -16.10 2.49
C HIS B 117 -16.82 -15.40 1.90
N ASN B 118 -17.92 -15.57 2.62
CA ASN B 118 -19.22 -14.98 2.22
C ASN B 118 -19.69 -14.10 3.38
N SER B 119 -20.94 -13.75 3.29
CA SER B 119 -21.57 -12.80 4.21
C SER B 119 -21.83 -13.44 5.52
N MET B 120 -21.90 -14.75 5.55
CA MET B 120 -21.96 -15.52 6.86
C MET B 120 -20.67 -15.38 7.65
N HIS B 121 -19.56 -15.36 6.93
CA HIS B 121 -18.25 -15.18 7.56
C HIS B 121 -18.09 -13.84 8.09
N ALA B 122 -18.64 -12.84 7.35
CA ALA B 122 -18.51 -11.49 7.82
C ALA B 122 -19.35 -11.29 9.09
N ALA B 123 -20.54 -11.87 9.05
CA ALA B 123 -21.48 -11.71 10.19
C ALA B 123 -20.84 -12.27 11.44
N ASP B 124 -20.25 -13.43 11.28
CA ASP B 124 -19.51 -14.11 12.34
C ASP B 124 -18.34 -13.24 12.91
N VAL B 125 -17.54 -12.70 12.00
CA VAL B 125 -16.50 -11.83 12.34
C VAL B 125 -16.94 -10.62 13.10
N LEU B 126 -18.00 -9.99 12.62
CA LEU B 126 -18.57 -8.84 13.24
C LEU B 126 -19.05 -9.12 14.63
N GLN B 127 -19.76 -10.22 14.79
CA GLN B 127 -20.29 -10.56 16.07
C GLN B 127 -19.21 -10.89 17.09
N THR B 128 -18.15 -11.58 16.64
CA THR B 128 -16.97 -11.91 17.49
C THR B 128 -16.25 -10.63 17.94
N ALA B 129 -16.15 -9.63 17.05
CA ALA B 129 -15.55 -8.32 17.39
C ALA B 129 -16.40 -7.62 18.47
N HIS B 130 -17.71 -7.73 18.31
CA HIS B 130 -18.64 -7.16 19.24
C HIS B 130 -18.50 -7.87 20.57
N PHE B 131 -18.27 -9.19 20.58
CA PHE B 131 -18.05 -9.93 21.78
C PHE B 131 -16.73 -9.48 22.48
N LEU B 132 -15.63 -9.42 21.74
CA LEU B 132 -14.29 -9.18 22.29
C LEU B 132 -14.14 -7.83 22.91
N LEU B 133 -14.87 -6.89 22.37
CA LEU B 133 -14.95 -5.55 22.94
C LEU B 133 -15.47 -5.47 24.36
N GLN B 134 -16.28 -6.43 24.79
CA GLN B 134 -17.08 -6.36 26.03
C GLN B 134 -16.27 -6.82 27.26
N ALA B 135 -15.08 -7.28 27.06
CA ALA B 135 -14.21 -7.61 28.20
C ALA B 135 -14.10 -6.37 29.16
N GLU B 136 -14.42 -6.63 30.43
CA GLU B 136 -14.11 -5.67 31.56
C GLU B 136 -12.75 -4.98 31.48
N ALA B 137 -11.69 -5.74 31.15
CA ALA B 137 -10.35 -5.16 31.00
C ALA B 137 -10.32 -3.92 30.09
N LEU B 138 -11.15 -3.93 29.06
CA LEU B 138 -11.23 -2.86 28.11
C LEU B 138 -12.43 -1.92 28.29
N ASP B 139 -13.06 -1.86 29.48
CA ASP B 139 -14.20 -0.89 29.75
C ASP B 139 -13.70 0.55 29.58
N ASP B 140 -14.56 1.36 28.97
CA ASP B 140 -14.41 2.85 28.80
C ASP B 140 -13.20 3.31 27.98
N VAL B 141 -12.44 2.37 27.39
CA VAL B 141 -11.17 2.67 26.74
C VAL B 141 -11.36 3.40 25.39
N PHE B 142 -12.27 2.85 24.56
CA PHE B 142 -12.37 3.20 23.18
C PHE B 142 -13.49 4.22 23.11
N SER B 143 -13.30 5.27 22.31
CA SER B 143 -14.38 6.21 21.99
C SER B 143 -15.43 5.51 21.12
N ASP B 144 -16.53 6.21 20.94
CA ASP B 144 -17.62 5.72 20.17
C ASP B 144 -17.15 5.61 18.68
N LEU B 145 -16.36 6.58 18.22
CA LEU B 145 -15.90 6.58 16.84
C LEU B 145 -15.02 5.37 16.52
N GLU B 146 -14.28 4.88 17.52
CA GLU B 146 -13.39 3.76 17.33
C GLU B 146 -14.14 2.51 17.32
N ILE B 147 -15.18 2.40 18.12
CA ILE B 147 -16.08 1.25 18.11
C ILE B 147 -16.86 1.16 16.78
N LEU B 148 -17.43 2.25 16.32
CA LEU B 148 -18.03 2.32 14.99
C LEU B 148 -17.03 1.82 13.90
N ALA B 149 -15.81 2.32 13.94
CA ALA B 149 -14.79 1.83 13.01
C ALA B 149 -14.54 0.31 12.97
N VAL B 150 -14.27 -0.27 14.16
CA VAL B 150 -14.00 -1.73 14.18
C VAL B 150 -15.25 -2.62 13.79
N LEU B 151 -16.45 -2.20 14.14
CA LEU B 151 -17.62 -2.96 13.75
C LEU B 151 -17.92 -2.86 12.27
N PHE B 152 -17.78 -1.66 11.70
CA PHE B 152 -17.95 -1.46 10.31
C PHE B 152 -16.92 -2.25 9.47
N ALA B 153 -15.66 -2.12 9.87
CA ALA B 153 -14.55 -2.90 9.32
C ALA B 153 -14.82 -4.37 9.25
N ALA B 154 -15.29 -4.95 10.36
CA ALA B 154 -15.57 -6.37 10.39
C ALA B 154 -16.67 -6.74 9.43
N ALA B 155 -17.71 -5.98 9.40
CA ALA B 155 -18.82 -6.22 8.42
C ALA B 155 -18.32 -6.28 6.96
N ILE B 156 -17.39 -5.40 6.62
CA ILE B 156 -16.94 -5.31 5.23
C ILE B 156 -15.63 -5.95 4.90
N HIS B 157 -14.88 -6.40 5.95
CA HIS B 157 -13.48 -6.87 5.78
C HIS B 157 -13.23 -7.92 4.66
N ASP B 158 -14.19 -8.71 4.21
CA ASP B 158 -14.04 -9.62 3.07
C ASP B 158 -14.98 -9.42 1.90
N VAL B 159 -15.55 -8.21 1.79
CA VAL B 159 -16.50 -7.95 0.74
C VAL B 159 -16.00 -8.19 -0.66
N ASP B 160 -16.76 -8.94 -1.42
CA ASP B 160 -16.36 -9.22 -2.83
C ASP B 160 -15.16 -10.12 -2.94
N HIS B 161 -14.99 -10.97 -1.96
CA HIS B 161 -13.99 -11.99 -2.05
C HIS B 161 -14.25 -13.01 -3.17
N PRO B 162 -13.26 -13.25 -4.07
CA PRO B 162 -13.49 -14.25 -5.13
C PRO B 162 -13.35 -15.75 -4.80
N GLY B 163 -12.90 -16.08 -3.58
CA GLY B 163 -12.74 -17.47 -3.22
C GLY B 163 -11.36 -18.02 -3.52
N VAL B 164 -10.42 -17.16 -3.87
CA VAL B 164 -8.98 -17.50 -4.04
C VAL B 164 -8.06 -16.54 -3.15
N THR B 165 -6.89 -16.99 -2.77
CA THR B 165 -5.96 -16.21 -1.91
C THR B 165 -5.18 -15.11 -2.63
N ASN B 166 -4.58 -14.22 -1.84
CA ASN B 166 -3.60 -13.22 -2.38
C ASN B 166 -2.56 -13.85 -3.22
N GLN B 167 -2.02 -14.99 -2.76
CA GLN B 167 -0.89 -15.60 -3.44
C GLN B 167 -1.36 -16.19 -4.79
N PHE B 168 -2.54 -16.76 -4.80
CA PHE B 168 -3.06 -17.22 -6.05
C PHE B 168 -3.16 -16.09 -7.09
N LEU B 169 -3.55 -14.88 -6.64
CA LEU B 169 -3.71 -13.71 -7.55
C LEU B 169 -2.32 -13.24 -8.08
N ILE B 170 -1.34 -13.20 -7.21
CA ILE B 170 0.00 -12.89 -7.59
C ILE B 170 0.48 -13.93 -8.64
N ASN B 171 0.63 -15.22 -8.26
CA ASN B 171 1.11 -16.33 -9.21
C ASN B 171 0.58 -16.35 -10.63
N THR B 172 -0.70 -15.94 -10.78
CA THR B 172 -1.43 -15.96 -12.04
C THR B 172 -1.51 -14.59 -12.73
N GLY B 173 -0.64 -13.65 -12.25
CA GLY B 173 -0.68 -12.26 -12.68
C GLY B 173 -2.09 -11.69 -12.83
N HIS B 174 -2.94 -11.90 -11.86
CA HIS B 174 -4.28 -11.36 -11.96
C HIS B 174 -4.22 -9.81 -11.98
N GLU B 175 -5.09 -9.21 -12.77
CA GLU B 175 -5.21 -7.76 -12.83
C GLU B 175 -5.27 -7.05 -11.45
N LEU B 176 -5.79 -7.65 -10.41
CA LEU B 176 -5.82 -7.02 -9.11
C LEU B 176 -4.47 -7.01 -8.47
N ALA B 177 -3.70 -8.06 -8.69
CA ALA B 177 -2.37 -8.14 -8.16
C ALA B 177 -1.47 -7.13 -8.87
N LEU B 178 -1.60 -7.01 -10.19
CA LEU B 178 -0.84 -6.03 -10.92
C LEU B 178 -1.20 -4.64 -10.50
N GLN B 179 -2.46 -4.38 -10.22
CA GLN B 179 -2.91 -3.09 -9.71
C GLN B 179 -2.34 -2.70 -8.38
N TYR B 180 -2.32 -3.66 -7.45
CA TYR B 180 -1.94 -3.36 -6.12
C TYR B 180 -0.47 -3.69 -5.82
N ASN B 181 0.26 -4.05 -6.84
CA ASN B 181 1.68 -4.32 -6.79
C ASN B 181 1.98 -5.44 -5.74
N ASP B 182 1.15 -6.47 -5.74
CA ASP B 182 1.25 -7.59 -4.83
C ASP B 182 1.01 -7.22 -3.38
N ALA B 183 0.79 -5.98 -2.99
CA ALA B 183 0.63 -5.69 -1.49
C ALA B 183 -0.88 -5.74 -1.08
N SER B 184 -1.23 -6.59 -0.11
CA SER B 184 -2.52 -6.69 0.46
C SER B 184 -3.64 -6.68 -0.67
N VAL B 185 -3.52 -7.53 -1.69
CA VAL B 185 -4.28 -7.45 -2.85
C VAL B 185 -5.82 -7.42 -2.57
N LEU B 186 -6.33 -8.44 -1.89
CA LEU B 186 -7.74 -8.51 -1.61
C LEU B 186 -8.16 -7.54 -0.56
N GLU B 187 -7.33 -7.31 0.45
CA GLU B 187 -7.77 -6.47 1.53
C GLU B 187 -8.00 -5.04 0.98
N ASN B 188 -7.13 -4.61 0.09
CA ASN B 188 -7.29 -3.37 -0.55
C ASN B 188 -8.64 -3.30 -1.38
N HIS B 189 -8.99 -4.37 -2.13
CA HIS B 189 -10.15 -4.47 -2.96
C HIS B 189 -11.41 -4.46 -2.09
N HIS B 190 -11.34 -5.08 -0.90
CA HIS B 190 -12.41 -5.10 -0.03
C HIS B 190 -12.75 -3.71 0.47
N LEU B 191 -11.75 -2.95 0.87
CA LEU B 191 -12.00 -1.59 1.19
C LEU B 191 -12.58 -0.75 0.01
N TYR B 192 -12.01 -0.91 -1.18
CA TYR B 192 -12.39 -0.18 -2.30
C TYR B 192 -13.93 -0.36 -2.57
N MET B 193 -14.41 -1.59 -2.58
CA MET B 193 -15.78 -1.99 -2.77
C MET B 193 -16.67 -1.44 -1.69
N ALA B 194 -16.27 -1.62 -0.46
CA ALA B 194 -16.98 -0.97 0.62
C ALA B 194 -17.21 0.56 0.52
N PHE B 195 -16.17 1.30 0.21
CA PHE B 195 -16.26 2.76 0.15
C PHE B 195 -16.97 3.30 -1.14
N LYS B 196 -17.01 2.48 -2.18
CA LYS B 196 -17.67 2.77 -3.43
C LYS B 196 -19.21 2.61 -3.29
N ILE B 197 -19.64 1.65 -2.47
CA ILE B 197 -21.02 1.42 -2.24
C ILE B 197 -21.58 2.59 -1.42
N LEU B 198 -20.80 3.13 -0.49
CA LEU B 198 -21.17 4.36 0.26
C LEU B 198 -21.60 5.53 -0.66
N THR B 199 -20.93 5.60 -1.76
CA THR B 199 -21.17 6.49 -2.85
C THR B 199 -22.49 6.28 -3.58
N GLU B 200 -23.23 5.17 -3.46
CA GLU B 200 -24.41 4.95 -4.24
C GLU B 200 -25.53 5.85 -3.66
N LYS B 201 -26.60 5.97 -4.46
CA LYS B 201 -27.73 6.79 -4.15
C LYS B 201 -28.37 6.29 -2.85
N ASP B 202 -28.36 7.17 -1.82
CA ASP B 202 -29.00 7.04 -0.50
C ASP B 202 -28.36 5.93 0.40
N CYS B 203 -27.08 5.57 0.13
CA CYS B 203 -26.41 4.56 0.92
C CYS B 203 -25.32 5.13 1.83
N ASP B 204 -25.21 6.47 1.88
CA ASP B 204 -24.21 7.08 2.71
C ASP B 204 -24.51 7.06 4.21
N ILE B 205 -24.27 5.94 4.88
CA ILE B 205 -24.57 5.87 6.31
C ILE B 205 -23.86 6.96 7.20
N PHE B 206 -22.70 7.44 6.77
CA PHE B 206 -21.96 8.49 7.44
C PHE B 206 -22.27 9.91 6.94
N ALA B 207 -23.37 10.09 6.18
CA ALA B 207 -23.70 11.45 5.63
C ALA B 207 -23.83 12.58 6.64
N ASN B 208 -24.11 12.27 7.91
CA ASN B 208 -24.31 13.28 8.96
C ASN B 208 -23.18 13.33 10.00
N LEU B 209 -22.06 12.64 9.82
CA LEU B 209 -20.84 13.04 10.54
C LEU B 209 -20.17 14.26 9.88
N GLY B 210 -19.51 15.09 10.68
CA GLY B 210 -18.62 16.15 10.15
C GLY B 210 -17.52 15.61 9.24
N GLY B 211 -16.91 16.50 8.44
CA GLY B 211 -15.73 16.22 7.57
C GLY B 211 -14.54 15.61 8.34
N LYS B 212 -14.22 16.15 9.55
CA LYS B 212 -13.09 15.71 10.35
C LYS B 212 -13.30 14.32 10.98
N LYS B 213 -14.50 14.04 11.50
CA LYS B 213 -14.84 12.72 11.99
C LYS B 213 -14.88 11.73 10.81
N ARG B 214 -15.48 12.07 9.68
CA ARG B 214 -15.47 11.17 8.49
C ARG B 214 -14.08 10.74 8.02
N GLN B 215 -13.19 11.71 7.94
CA GLN B 215 -11.80 11.43 7.56
C GLN B 215 -11.00 10.54 8.59
N THR B 216 -11.23 10.80 9.89
CA THR B 216 -10.69 10.02 10.99
C THR B 216 -11.25 8.59 10.92
N LEU B 217 -12.55 8.51 10.60
CA LEU B 217 -13.19 7.24 10.44
C LEU B 217 -12.65 6.37 9.31
N ARG B 218 -12.60 6.98 8.12
CA ARG B 218 -12.01 6.38 6.91
C ARG B 218 -10.59 5.86 7.20
N ARG B 219 -9.76 6.70 7.78
CA ARG B 219 -8.35 6.33 8.02
C ARG B 219 -8.35 5.08 8.95
N MET B 220 -9.19 5.05 10.00
CA MET B 220 -9.25 3.89 10.87
C MET B 220 -9.69 2.59 10.20
N VAL B 221 -10.77 2.69 9.40
CA VAL B 221 -11.39 1.55 8.81
C VAL B 221 -10.40 0.95 7.86
N ILE B 222 -9.62 1.78 7.17
CA ILE B 222 -8.54 1.30 6.32
C ILE B 222 -7.45 0.52 7.05
N GLU B 223 -6.93 1.07 8.15
CA GLU B 223 -5.92 0.42 8.93
C GLU B 223 -6.49 -0.87 9.55
N LEU B 224 -7.79 -0.92 9.85
CA LEU B 224 -8.39 -2.13 10.42
C LEU B 224 -8.58 -3.26 9.44
N VAL B 225 -9.17 -2.96 8.24
CA VAL B 225 -9.26 -4.02 7.23
C VAL B 225 -7.86 -4.50 6.76
N LEU B 226 -6.89 -3.60 6.58
CA LEU B 226 -5.56 -3.93 6.19
C LEU B 226 -4.86 -4.84 7.19
N ALA B 227 -5.21 -4.74 8.45
CA ALA B 227 -4.69 -5.64 9.47
C ALA B 227 -5.27 -7.03 9.41
N THR B 228 -6.17 -7.37 8.48
CA THR B 228 -6.57 -8.76 8.34
C THR B 228 -5.72 -9.41 7.31
N ASP B 229 -4.74 -8.73 6.74
CA ASP B 229 -3.85 -9.39 5.76
C ASP B 229 -2.84 -10.32 6.58
N MET B 230 -2.71 -11.58 6.18
CA MET B 230 -1.90 -12.54 6.92
C MET B 230 -0.43 -12.01 6.99
N SER B 231 0.00 -11.23 6.00
CA SER B 231 1.35 -10.80 5.91
C SER B 231 1.70 -9.73 7.00
N LYS B 232 0.75 -9.38 7.83
CA LYS B 232 0.95 -8.46 8.94
C LYS B 232 0.82 -9.13 10.25
N HIS B 233 0.43 -10.36 10.23
CA HIS B 233 0.24 -11.09 11.48
C HIS B 233 1.51 -11.05 12.45
N MET B 234 2.71 -11.31 11.95
CA MET B 234 3.96 -11.36 12.83
C MET B 234 4.12 -10.01 13.47
N SER B 235 3.99 -8.92 12.65
CA SER B 235 4.29 -7.62 13.21
C SER B 235 3.28 -7.16 14.28
N LEU B 236 1.99 -7.45 14.04
CA LEU B 236 0.94 -7.13 14.98
C LEU B 236 1.08 -7.89 16.31
N LEU B 237 1.32 -9.18 16.18
CA LEU B 237 1.48 -10.01 17.32
C LEU B 237 2.67 -9.47 18.13
N ALA B 238 3.81 -9.20 17.47
CA ALA B 238 4.99 -8.72 18.26
C ALA B 238 4.56 -7.39 18.98
N ASP B 239 3.74 -6.56 18.34
CA ASP B 239 3.43 -5.28 18.98
C ASP B 239 2.42 -5.48 20.15
N LEU B 240 1.56 -6.49 20.09
CA LEU B 240 0.66 -6.85 21.22
C LEU B 240 1.47 -7.49 22.38
N ARG B 241 2.29 -8.52 22.13
CA ARG B 241 3.28 -9.01 23.14
C ARG B 241 3.95 -7.89 23.88
N THR B 242 4.36 -6.84 23.15
CA THR B 242 5.02 -5.65 23.73
C THR B 242 4.15 -4.90 24.73
N MET B 243 3.01 -4.42 24.25
CA MET B 243 1.99 -3.87 25.16
C MET B 243 1.63 -4.76 26.35
N VAL B 244 1.60 -6.08 26.15
CA VAL B 244 1.25 -6.99 27.23
C VAL B 244 2.29 -6.93 28.32
N GLU B 245 3.56 -7.00 27.90
CA GLU B 245 4.80 -6.91 28.75
C GLU B 245 4.98 -5.57 29.44
N THR B 246 4.65 -4.48 28.75
CA THR B 246 4.68 -3.17 29.41
C THR B 246 3.49 -3.04 30.45
N LYS B 247 2.49 -3.94 30.45
CA LYS B 247 1.59 -4.11 31.65
C LYS B 247 1.62 -5.52 32.36
N LEU B 257 -3.33 4.07 28.25
CA LEU B 257 -3.92 3.98 26.90
C LEU B 257 -4.87 5.14 26.52
N ASP B 258 -4.33 6.34 26.71
CA ASP B 258 -4.88 7.67 26.36
C ASP B 258 -4.25 8.16 24.98
N ASN B 259 -3.67 7.23 24.19
CA ASN B 259 -2.93 7.55 22.95
C ASN B 259 -3.50 6.67 21.79
N TYR B 260 -3.91 7.38 20.74
CA TYR B 260 -4.30 6.75 19.51
C TYR B 260 -3.39 5.55 19.13
N ALA B 261 -2.09 5.76 18.89
CA ALA B 261 -1.23 4.69 18.27
C ALA B 261 -1.41 3.31 18.94
N ASP B 262 -1.60 3.32 20.29
CA ASP B 262 -1.89 2.06 21.06
C ASP B 262 -3.31 1.48 21.06
N ARG B 263 -4.31 2.32 21.30
CA ARG B 263 -5.70 1.96 21.04
C ARG B 263 -5.92 1.32 19.66
N ILE B 264 -5.43 1.94 18.58
CA ILE B 264 -5.65 1.37 17.21
C ILE B 264 -4.92 0.03 17.01
N GLN B 265 -3.78 -0.13 17.64
CA GLN B 265 -3.09 -1.43 17.77
C GLN B 265 -3.92 -2.50 18.45
N ILE B 266 -4.66 -2.15 19.50
CA ILE B 266 -5.46 -3.16 20.13
C ILE B 266 -6.60 -3.55 19.14
N LEU B 267 -7.22 -2.56 18.51
CA LEU B 267 -8.36 -2.85 17.57
C LEU B 267 -7.91 -3.65 16.32
N GLN B 268 -6.73 -3.36 15.78
CA GLN B 268 -6.12 -4.17 14.72
C GLN B 268 -5.95 -5.60 15.10
N ASN B 269 -5.37 -5.83 16.29
CA ASN B 269 -5.19 -7.22 16.82
C ASN B 269 -6.56 -7.82 17.07
N MET B 270 -7.44 -7.05 17.67
CA MET B 270 -8.81 -7.57 17.93
C MET B 270 -9.63 -7.98 16.68
N ILE B 271 -9.54 -7.25 15.59
CA ILE B 271 -10.28 -7.67 14.42
C ILE B 271 -9.61 -8.83 13.78
N HIS B 272 -8.25 -8.84 13.83
CA HIS B 272 -7.52 -9.98 13.30
C HIS B 272 -7.79 -11.31 14.10
N CYS B 273 -7.88 -11.18 15.44
CA CYS B 273 -8.36 -12.27 16.29
C CYS B 273 -9.76 -12.77 15.82
N ALA B 274 -10.68 -11.82 15.68
CA ALA B 274 -12.07 -12.15 15.28
C ALA B 274 -12.08 -12.98 14.03
N ASP B 275 -11.24 -12.57 13.13
CA ASP B 275 -11.05 -13.26 11.90
C ASP B 275 -10.47 -14.61 12.04
N LEU B 276 -9.66 -14.82 13.06
CA LEU B 276 -8.99 -16.11 13.18
C LEU B 276 -9.59 -16.86 14.35
N SER B 277 -10.89 -16.64 14.57
CA SER B 277 -11.57 -17.19 15.70
C SER B 277 -12.25 -18.53 15.52
N ASN B 278 -12.35 -19.11 14.33
CA ASN B 278 -13.10 -20.35 14.19
C ASN B 278 -12.50 -21.43 15.11
N PRO B 279 -11.16 -21.55 15.18
CA PRO B 279 -10.65 -22.66 16.00
C PRO B 279 -10.93 -22.52 17.46
N ALA B 280 -11.25 -21.33 17.92
CA ALA B 280 -11.57 -21.14 19.37
C ALA B 280 -13.06 -21.11 19.66
N LYS B 281 -13.87 -21.53 18.66
CA LYS B 281 -15.31 -21.62 18.84
C LYS B 281 -15.67 -23.01 19.22
N PRO B 282 -16.86 -23.20 19.79
CA PRO B 282 -17.41 -24.54 19.92
C PRO B 282 -17.23 -25.41 18.68
N LEU B 283 -16.80 -26.65 18.98
CA LEU B 283 -16.30 -27.60 18.06
C LEU B 283 -17.23 -27.81 16.86
N ARG B 284 -18.54 -27.84 17.10
CA ARG B 284 -19.38 -28.16 16.05
C ARG B 284 -19.31 -27.01 15.04
N LEU B 285 -19.17 -25.77 15.53
CA LEU B 285 -19.13 -24.57 14.66
C LEU B 285 -17.76 -24.48 13.94
N TYR B 286 -16.69 -24.80 14.68
CA TYR B 286 -15.35 -24.89 14.11
C TYR B 286 -15.29 -25.85 12.96
N ARG B 287 -15.83 -27.03 13.16
CA ARG B 287 -15.85 -28.07 12.11
C ARG B 287 -16.65 -27.64 10.92
N LYS B 288 -17.74 -26.95 11.19
CA LYS B 288 -18.65 -26.57 10.06
C LYS B 288 -17.95 -25.48 9.20
N TRP B 289 -17.30 -24.52 9.88
CA TRP B 289 -16.56 -23.44 9.22
C TRP B 289 -15.41 -24.00 8.47
N THR B 290 -14.70 -24.93 9.10
CA THR B 290 -13.62 -25.68 8.40
C THR B 290 -13.99 -26.41 7.11
N GLY B 291 -15.11 -27.12 7.12
CA GLY B 291 -15.58 -27.87 5.92
C GLY B 291 -15.79 -26.88 4.79
N ARG B 292 -16.21 -25.67 5.12
CA ARG B 292 -16.37 -24.71 4.10
C ARG B 292 -15.08 -24.14 3.56
N LEU B 293 -14.17 -23.79 4.44
CA LEU B 293 -12.82 -23.33 4.04
C LEU B 293 -12.09 -24.33 3.14
N ILE B 294 -12.22 -25.62 3.46
CA ILE B 294 -11.49 -26.72 2.77
C ILE B 294 -12.11 -26.79 1.38
N GLU B 295 -13.43 -26.71 1.28
CA GLU B 295 -14.08 -26.79 -0.04
C GLU B 295 -13.68 -25.55 -0.93
N GLU B 296 -13.41 -24.40 -0.29
CA GLU B 296 -12.94 -23.21 -0.98
C GLU B 296 -11.49 -23.39 -1.42
N PHE B 297 -10.65 -23.86 -0.52
CA PHE B 297 -9.25 -24.18 -0.92
C PHE B 297 -9.18 -25.22 -2.06
N PHE B 298 -10.09 -26.21 -2.05
CA PHE B 298 -10.05 -27.26 -3.05
C PHE B 298 -10.39 -26.76 -4.42
N ARG B 299 -11.43 -25.92 -4.50
CA ARG B 299 -11.88 -25.35 -5.78
C ARG B 299 -10.80 -24.46 -6.40
N GLN B 300 -10.03 -23.78 -5.51
CA GLN B 300 -8.84 -23.07 -5.91
C GLN B 300 -7.88 -24.08 -6.61
N GLY B 301 -7.50 -25.17 -5.91
CA GLY B 301 -6.69 -26.28 -6.53
C GLY B 301 -7.18 -26.78 -7.92
N ASP B 302 -8.48 -26.89 -8.09
CA ASP B 302 -9.08 -27.28 -9.37
C ASP B 302 -8.86 -26.24 -10.49
N LYS B 303 -8.57 -24.97 -10.15
CA LYS B 303 -8.19 -23.94 -11.18
C LYS B 303 -6.66 -23.91 -11.34
N GLU B 304 -5.95 -24.39 -10.34
CA GLU B 304 -4.52 -24.58 -10.47
C GLU B 304 -4.19 -25.73 -11.42
N ARG B 305 -4.94 -26.82 -11.30
CA ARG B 305 -4.80 -27.90 -12.25
C ARG B 305 -5.38 -27.60 -13.66
N GLU B 306 -6.60 -27.02 -13.82
CA GLU B 306 -7.17 -26.68 -15.18
C GLU B 306 -6.19 -25.78 -15.98
N LEU B 307 -5.46 -24.92 -15.24
CA LEU B 307 -4.32 -24.12 -15.76
C LEU B 307 -2.90 -24.74 -15.64
N SER B 308 -2.75 -26.07 -15.64
CA SER B 308 -1.41 -26.73 -15.71
C SER B 308 -0.32 -26.15 -14.75
N LEU B 309 -0.74 -25.60 -13.59
CA LEU B 309 0.16 -24.94 -12.59
C LEU B 309 0.27 -25.76 -11.30
N GLU B 310 1.37 -25.51 -10.57
CA GLU B 310 1.61 -25.99 -9.19
C GLU B 310 0.38 -25.93 -8.26
N ILE B 311 0.00 -27.04 -7.60
CA ILE B 311 -1.19 -26.95 -6.68
C ILE B 311 -0.76 -26.47 -5.30
N SER B 312 -1.47 -25.48 -4.74
CA SER B 312 -1.00 -24.75 -3.53
C SER B 312 -1.24 -25.65 -2.31
N PRO B 313 -0.60 -25.32 -1.16
CA PRO B 313 -0.95 -26.01 0.12
C PRO B 313 -2.46 -26.04 0.48
N MET B 314 -2.83 -27.18 1.01
CA MET B 314 -4.19 -27.39 1.44
C MET B 314 -5.23 -27.41 0.31
N CYS B 315 -4.83 -27.49 -0.99
CA CYS B 315 -5.79 -27.28 -2.12
C CYS B 315 -5.97 -28.45 -3.05
N ASP B 316 -5.28 -29.55 -2.75
CA ASP B 316 -5.42 -30.75 -3.56
C ASP B 316 -6.33 -31.73 -2.82
N ARG B 317 -7.44 -32.10 -3.47
CA ARG B 317 -8.40 -33.11 -2.96
C ARG B 317 -7.98 -34.57 -3.20
N GLU B 318 -6.71 -34.78 -3.53
CA GLU B 318 -6.12 -36.10 -3.58
C GLU B 318 -4.73 -36.02 -2.89
N SER B 319 -4.60 -35.24 -1.81
CA SER B 319 -3.28 -35.06 -1.16
C SER B 319 -3.27 -34.27 0.18
N VAL B 320 -4.42 -33.98 0.80
CA VAL B 320 -4.36 -33.20 2.07
C VAL B 320 -4.93 -34.00 3.26
N GLU B 321 -4.24 -33.76 4.37
CA GLU B 321 -4.46 -34.32 5.66
C GLU B 321 -5.14 -33.16 6.45
N VAL B 322 -6.47 -33.10 6.35
CA VAL B 322 -7.24 -32.04 6.98
C VAL B 322 -6.87 -31.85 8.47
N GLU B 323 -6.82 -32.95 9.20
CA GLU B 323 -6.79 -32.90 10.64
C GLU B 323 -5.39 -32.39 11.07
N LYS B 324 -4.33 -32.90 10.44
CA LYS B 324 -2.98 -32.32 10.63
C LYS B 324 -2.91 -30.86 10.24
N SER B 325 -3.59 -30.52 9.15
CA SER B 325 -3.50 -29.14 8.55
C SER B 325 -3.99 -28.18 9.60
N GLN B 326 -5.07 -28.55 10.29
CA GLN B 326 -5.60 -27.79 11.46
C GLN B 326 -4.74 -27.75 12.69
N VAL B 327 -4.30 -28.89 13.14
CA VAL B 327 -3.35 -28.88 14.30
C VAL B 327 -2.11 -27.91 14.09
N SER B 328 -1.67 -27.89 12.84
CA SER B 328 -0.53 -27.02 12.38
C SER B 328 -0.86 -25.50 12.48
N PHE B 329 -2.05 -25.15 12.00
CA PHE B 329 -2.52 -23.77 12.03
C PHE B 329 -2.74 -23.29 13.47
N ILE B 330 -3.16 -24.17 14.39
CA ILE B 330 -3.39 -23.69 15.77
C ILE B 330 -2.00 -23.49 16.45
N ASP B 331 -1.12 -24.47 16.28
CA ASP B 331 0.25 -24.47 16.99
C ASP B 331 1.02 -23.22 16.68
N PHE B 332 1.04 -22.94 15.36
CA PHE B 332 1.86 -21.91 14.76
C PHE B 332 1.23 -20.53 14.53
N VAL B 333 -0.10 -20.45 14.42
CA VAL B 333 -0.71 -19.21 14.05
C VAL B 333 -1.72 -18.80 15.12
N CYS B 334 -2.70 -19.67 15.32
CA CYS B 334 -3.79 -19.34 16.19
C CYS B 334 -3.52 -19.23 17.64
N HIS B 335 -2.95 -20.30 18.22
CA HIS B 335 -2.55 -20.32 19.62
C HIS B 335 -1.54 -19.17 20.06
N PRO B 336 -0.56 -18.94 19.26
CA PRO B 336 0.35 -17.80 19.64
C PRO B 336 -0.43 -16.48 19.74
N LEU B 337 -1.31 -16.22 18.73
CA LEU B 337 -2.21 -15.11 18.75
C LEU B 337 -3.06 -15.11 19.93
N TRP B 338 -3.80 -16.19 20.12
CA TRP B 338 -4.93 -16.12 21.14
C TRP B 338 -4.39 -16.02 22.63
N GLU B 339 -3.30 -16.70 22.84
CA GLU B 339 -2.65 -16.59 24.11
C GLU B 339 -2.34 -15.10 24.52
N THR B 340 -1.70 -14.37 23.60
CA THR B 340 -1.39 -13.00 23.88
C THR B 340 -2.64 -12.11 24.07
N TRP B 341 -3.69 -12.38 23.27
CA TRP B 341 -4.85 -11.56 23.34
C TRP B 341 -5.43 -11.88 24.73
N CYS B 342 -5.62 -13.15 25.00
CA CYS B 342 -6.13 -13.57 26.33
C CYS B 342 -5.29 -13.02 27.52
N ASP B 343 -3.97 -13.09 27.38
CA ASP B 343 -3.04 -12.48 28.37
C ASP B 343 -3.28 -10.95 28.49
N LEU B 344 -3.47 -10.24 27.37
CA LEU B 344 -3.85 -8.81 27.44
C LEU B 344 -5.08 -8.44 28.32
N VAL B 345 -6.18 -9.14 28.07
CA VAL B 345 -7.45 -8.95 28.75
C VAL B 345 -7.66 -9.77 30.01
N HIS B 346 -6.74 -10.69 30.31
CA HIS B 346 -6.71 -11.49 31.62
C HIS B 346 -7.60 -11.02 32.79
N PRO B 347 -8.58 -11.86 33.26
CA PRO B 347 -9.02 -13.25 32.81
C PRO B 347 -10.30 -13.31 31.96
N CYS B 348 -10.58 -12.22 31.23
CA CYS B 348 -11.91 -12.02 30.69
C CYS B 348 -12.21 -12.95 29.49
N ALA B 349 -11.19 -13.67 28.99
CA ALA B 349 -11.17 -14.45 27.76
C ALA B 349 -10.61 -15.86 27.96
N GLN B 350 -10.60 -16.32 29.18
CA GLN B 350 -10.09 -17.68 29.49
C GLN B 350 -10.88 -18.78 28.71
N LEU B 351 -12.22 -18.61 28.62
CA LEU B 351 -13.06 -19.58 27.92
C LEU B 351 -12.50 -19.88 26.47
N ILE B 352 -11.97 -18.84 25.84
CA ILE B 352 -11.61 -18.90 24.48
C ILE B 352 -10.37 -19.74 24.31
N LEU B 353 -9.38 -19.40 25.13
CA LEU B 353 -8.13 -20.19 25.18
C LEU B 353 -8.39 -21.66 25.52
N ASP B 354 -9.23 -21.91 26.53
CA ASP B 354 -9.64 -23.31 26.87
C ASP B 354 -10.20 -24.14 25.69
N THR B 355 -11.12 -23.51 24.95
CA THR B 355 -11.79 -24.20 23.93
C THR B 355 -10.86 -24.49 22.80
N LEU B 356 -10.08 -23.42 22.48
CA LEU B 356 -9.04 -23.51 21.52
C LEU B 356 -8.11 -24.64 21.85
N GLU B 357 -7.72 -24.71 23.13
CA GLU B 357 -6.78 -25.75 23.55
C GLU B 357 -7.48 -27.13 23.38
N ASP B 358 -8.80 -27.21 23.70
CA ASP B 358 -9.56 -28.49 23.59
C ASP B 358 -9.73 -29.06 22.17
N ASN B 359 -9.91 -28.16 21.22
CA ASN B 359 -10.29 -28.47 19.87
C ASN B 359 -9.04 -28.95 19.13
N ARG B 360 -7.95 -28.23 19.53
CA ARG B 360 -6.55 -28.70 19.24
C ARG B 360 -6.39 -30.15 19.57
N ASP B 361 -6.60 -30.52 20.83
CA ASP B 361 -6.49 -31.99 21.25
C ASP B 361 -7.42 -32.94 20.49
N TRP B 362 -8.64 -32.43 20.27
CA TRP B 362 -9.60 -33.20 19.60
C TRP B 362 -9.09 -33.55 18.19
N TYR B 363 -8.61 -32.56 17.46
CA TYR B 363 -8.19 -32.77 16.07
C TYR B 363 -6.95 -33.66 15.95
N GLU B 364 -6.05 -33.53 16.93
CA GLU B 364 -4.84 -34.31 16.99
C GLU B 364 -5.19 -35.84 17.08
N CYS B 365 -6.07 -36.19 18.04
CA CYS B 365 -6.66 -37.55 18.11
C CYS B 365 -7.36 -38.12 16.85
N HIS B 366 -7.84 -37.25 15.94
CA HIS B 366 -8.72 -37.69 14.81
C HIS B 366 -8.06 -37.85 13.39
N ILE B 367 -6.73 -37.81 13.34
CA ILE B 367 -5.98 -38.47 12.27
C ILE B 367 -6.41 -39.98 12.22
ZN ZN C . 9.36 12.66 -9.70
MG MG D . 6.44 11.07 -7.86
ZN ZN E . -12.10 -12.88 6.95
MG MG F . -9.66 -11.47 4.18
#